data_3ZDF
#
_entry.id   3ZDF
#
_cell.length_a   141.450
_cell.length_b   141.450
_cell.length_c   77.390
_cell.angle_alpha   90.00
_cell.angle_beta   90.00
_cell.angle_gamma   90.00
#
_symmetry.space_group_name_H-M   'P 43 21 2'
#
loop_
_entity.id
_entity.type
_entity.pdbx_description
1 polymer 'GLYCERALDEHYDE-3-PHOSPHATE DEHYDROGENASE'
2 polymer 'CP12 POLYPEPTIDE'
3 non-polymer NICOTINAMIDE-ADENINE-DINUCLEOTIDE
4 water water
#
loop_
_entity_poly.entity_id
_entity_poly.type
_entity_poly.pdbx_seq_one_letter_code
_entity_poly.pdbx_strand_id
1 'polypeptide(L)'
;MRGSHHHHHHGLVPRGSMVRVAINGFGRIGRNFMRCWLQRKANSKLEIVGINDTSDPRTNAHLLKYDSMLGIFQDAEITA
DDDCIYAGGHAVKCVSDRNPENLPWSAWGIDLVIEATGVFTSREGASKHLSAGAKKVLITAPGKGNIPTYVVGVNHHTYD
PSEDIVSNASCTTNCLAPIVKVLHEAFGIQQGMMTTTHSYTGDQRLLDASHRDLRRARAAAMNIVPTSTGAAKAVGLVIP
ELQGKLNGIALRVPTPNVSVVDFVAQVEKPTIAEQVNQVIKEASETTMKGIIHYSELELVSSDYRGHNASSILDASLTMV
LGGNLVKVVAWYDNEWGYSQRVLDLAEHMAAHWA
;
A,B
2 'polypeptide(L)' HKTSFQQYCDDNPDAAECRIYDD C,D
#
# COMPACT_ATOMS: atom_id res chain seq x y z
N SER A 17 -18.91 -23.13 24.34
CA SER A 17 -19.55 -22.28 23.30
C SER A 17 -18.94 -20.84 23.25
N MET A 18 -19.29 -20.15 22.18
CA MET A 18 -18.61 -18.92 21.80
C MET A 18 -19.01 -17.69 22.62
N VAL A 19 -18.15 -16.69 22.67
CA VAL A 19 -18.50 -15.40 23.24
C VAL A 19 -19.00 -14.55 22.06
N ARG A 20 -20.19 -14.00 22.22
CA ARG A 20 -20.87 -13.28 21.15
C ARG A 20 -20.52 -11.79 21.12
N VAL A 21 -19.95 -11.35 20.01
CA VAL A 21 -19.30 -10.06 19.94
C VAL A 21 -20.03 -9.14 19.00
N ALA A 22 -20.20 -7.90 19.43
CA ALA A 22 -20.63 -6.87 18.53
C ALA A 22 -19.58 -5.77 18.49
N ILE A 23 -19.39 -5.20 17.32
CA ILE A 23 -18.51 -4.07 17.12
C ILE A 23 -19.36 -2.82 17.04
N ASN A 24 -19.03 -1.85 17.87
CA ASN A 24 -19.69 -0.57 17.83
C ASN A 24 -18.72 0.42 17.25
N GLY A 25 -19.01 0.87 16.04
CA GLY A 25 -18.09 1.70 15.32
C GLY A 25 -17.26 0.91 14.35
N PHE A 26 -17.64 0.93 13.08
CA PHE A 26 -17.01 0.10 12.09
C PHE A 26 -16.00 0.92 11.30
N GLY A 27 -15.04 1.53 12.01
CA GLY A 27 -14.13 2.52 11.47
C GLY A 27 -12.80 1.86 11.17
N ARG A 28 -11.72 2.59 11.21
CA ARG A 28 -10.44 1.97 10.90
C ARG A 28 -10.15 0.83 11.87
N ILE A 29 -10.37 1.08 13.16
CA ILE A 29 -10.10 0.02 14.17
C ILE A 29 -11.16 -1.09 14.10
N GLY A 30 -12.44 -0.73 14.03
CA GLY A 30 -13.49 -1.72 13.88
C GLY A 30 -13.29 -2.67 12.70
N ARG A 31 -12.87 -2.15 11.57
CA ARG A 31 -12.68 -3.01 10.41
C ARG A 31 -11.36 -3.77 10.45
N ASN A 32 -10.26 -3.13 10.88
CA ASN A 32 -9.01 -3.84 11.07
C ASN A 32 -9.26 -5.00 12.02
N PHE A 33 -9.96 -4.75 13.14
CA PHE A 33 -10.29 -5.78 14.10
C PHE A 33 -11.04 -6.94 13.47
N MET A 34 -12.03 -6.59 12.67
CA MET A 34 -12.84 -7.57 12.02
C MET A 34 -11.93 -8.42 11.14
N ARG A 35 -11.04 -7.79 10.38
CA ARG A 35 -10.12 -8.53 9.48
C ARG A 35 -9.19 -9.41 10.27
N CYS A 36 -8.73 -8.94 11.43
CA CYS A 36 -7.89 -9.77 12.29
C CYS A 36 -8.67 -11.01 12.76
N TRP A 37 -9.93 -10.81 13.16
CA TRP A 37 -10.72 -11.94 13.56
C TRP A 37 -10.94 -12.94 12.44
N LEU A 38 -11.24 -12.45 11.24
CA LEU A 38 -11.44 -13.34 10.09
C LEU A 38 -10.23 -14.19 9.75
N GLN A 39 -9.02 -13.70 9.97
CA GLN A 39 -7.81 -14.52 9.70
C GLN A 39 -7.48 -15.49 10.84
N ARG A 40 -7.99 -15.27 12.03
CA ARG A 40 -7.68 -16.15 13.16
C ARG A 40 -8.96 -16.86 13.66
N LYS A 41 -10.00 -16.89 12.83
CA LYS A 41 -11.36 -17.36 13.20
C LYS A 41 -11.42 -18.83 13.64
N ALA A 42 -10.69 -19.73 12.97
CA ALA A 42 -10.71 -21.17 13.32
C ALA A 42 -10.34 -21.55 14.80
N ASN A 43 -9.37 -20.88 15.44
CA ASN A 43 -8.96 -21.24 16.82
C ASN A 43 -9.54 -20.30 17.91
N SER A 44 -10.55 -19.51 17.55
CA SER A 44 -11.08 -18.42 18.37
C SER A 44 -12.22 -18.82 19.31
N LYS A 45 -12.38 -18.09 20.42
CA LYS A 45 -13.56 -18.22 21.29
C LYS A 45 -14.61 -17.08 21.11
N LEU A 46 -14.39 -16.25 20.10
CA LEU A 46 -15.25 -15.14 19.80
C LEU A 46 -16.01 -15.40 18.49
N GLU A 47 -17.27 -14.97 18.45
CA GLU A 47 -18.04 -15.01 17.25
C GLU A 47 -18.59 -13.62 17.09
N ILE A 48 -18.23 -12.96 15.97
CA ILE A 48 -18.69 -11.60 15.75
C ILE A 48 -20.02 -11.68 15.06
N VAL A 49 -21.07 -11.23 15.73
CA VAL A 49 -22.43 -11.47 15.28
C VAL A 49 -23.15 -10.20 14.97
N GLY A 50 -22.65 -9.05 15.42
CA GLY A 50 -23.27 -7.77 15.12
C GLY A 50 -22.31 -6.62 14.92
N ILE A 51 -22.75 -5.67 14.09
CA ILE A 51 -22.12 -4.39 13.93
C ILE A 51 -23.16 -3.28 14.02
N ASN A 52 -22.82 -2.20 14.73
CA ASN A 52 -23.53 -0.96 14.71
C ASN A 52 -22.62 0.13 14.19
N ASP A 53 -23.13 1.00 13.34
CA ASP A 53 -22.30 2.05 12.79
C ASP A 53 -23.22 3.08 12.18
N THR A 54 -22.71 4.28 11.92
CA THR A 54 -23.54 5.32 11.33
C THR A 54 -24.03 4.90 9.93
N SER A 55 -23.23 4.06 9.30
CA SER A 55 -23.41 3.63 7.93
C SER A 55 -24.23 2.35 7.79
N ASP A 56 -24.72 2.08 6.59
CA ASP A 56 -25.54 0.89 6.32
C ASP A 56 -24.72 -0.38 5.95
N PRO A 57 -25.35 -1.54 5.88
CA PRO A 57 -24.58 -2.75 5.57
C PRO A 57 -23.82 -2.76 4.24
N ARG A 58 -24.41 -2.25 3.18
CA ARG A 58 -23.70 -2.24 1.90
C ARG A 58 -22.47 -1.38 1.96
N THR A 59 -22.57 -0.21 2.55
CA THR A 59 -21.37 0.59 2.75
C THR A 59 -20.30 -0.12 3.63
N ASN A 60 -20.71 -0.73 4.74
CA ASN A 60 -19.77 -1.41 5.59
C ASN A 60 -19.06 -2.59 4.88
N ALA A 61 -19.82 -3.36 4.10
CA ALA A 61 -19.26 -4.51 3.34
C ALA A 61 -18.25 -4.06 2.31
N HIS A 62 -18.60 -2.96 1.65
CA HIS A 62 -17.75 -2.42 0.63
C HIS A 62 -16.40 -1.99 1.23
N LEU A 63 -16.47 -1.20 2.32
CA LEU A 63 -15.26 -0.69 2.97
C LEU A 63 -14.48 -1.80 3.65
N LEU A 64 -15.16 -2.82 4.16
CA LEU A 64 -14.45 -3.99 4.73
C LEU A 64 -13.64 -4.67 3.65
N LYS A 65 -14.23 -4.76 2.48
CA LYS A 65 -13.58 -5.48 1.39
C LYS A 65 -12.47 -4.68 0.75
N TYR A 66 -12.75 -3.40 0.46
CA TYR A 66 -11.82 -2.52 -0.26
C TYR A 66 -11.23 -1.55 0.75
N ASP A 67 -9.94 -1.72 1.02
CA ASP A 67 -9.22 -0.94 1.99
C ASP A 67 -7.99 -0.36 1.34
N SER A 68 -7.85 0.96 1.36
CA SER A 68 -6.73 1.66 0.74
C SER A 68 -5.33 1.24 1.35
N MET A 69 -5.34 0.87 2.63
CA MET A 69 -4.16 0.47 3.37
C MET A 69 -3.98 -1.03 3.38
N LEU A 70 -5.03 -1.81 3.69
CA LEU A 70 -4.87 -3.29 3.76
C LEU A 70 -4.94 -4.02 2.42
N GLY A 71 -5.40 -3.32 1.37
CA GLY A 71 -5.71 -3.93 0.11
C GLY A 71 -7.07 -4.63 0.14
N ILE A 72 -7.36 -5.35 -0.94
CA ILE A 72 -8.60 -6.07 -1.09
C ILE A 72 -8.56 -7.34 -0.26
N PHE A 73 -9.63 -7.59 0.46
CA PHE A 73 -9.73 -8.82 1.29
C PHE A 73 -10.04 -10.01 0.43
N GLN A 74 -9.06 -10.92 0.28
CA GLN A 74 -9.20 -12.06 -0.64
C GLN A 74 -9.53 -13.39 0.06
N ASP A 75 -9.29 -13.51 1.36
CA ASP A 75 -9.46 -14.81 2.06
C ASP A 75 -10.89 -15.39 1.92
N ALA A 76 -11.92 -14.57 1.76
CA ALA A 76 -13.26 -15.12 1.49
C ALA A 76 -14.19 -14.04 1.02
N GLU A 77 -15.32 -14.46 0.47
CA GLU A 77 -16.34 -13.54 -0.09
C GLU A 77 -16.97 -12.62 0.95
N ILE A 78 -17.11 -11.35 0.58
CA ILE A 78 -17.79 -10.39 1.41
C ILE A 78 -18.96 -9.82 0.65
N THR A 79 -20.12 -9.82 1.30
CA THR A 79 -21.34 -9.49 0.64
C THR A 79 -22.30 -8.87 1.64
N ALA A 80 -23.40 -8.31 1.16
CA ALA A 80 -24.35 -7.60 2.02
C ALA A 80 -25.76 -7.60 1.50
N ASP A 81 -26.73 -7.57 2.39
CA ASP A 81 -28.10 -7.22 2.02
C ASP A 81 -28.59 -6.07 2.92
N ASP A 82 -29.90 -5.85 3.06
CA ASP A 82 -30.39 -4.74 3.88
C ASP A 82 -30.13 -4.98 5.35
N ASP A 83 -29.97 -6.24 5.75
CA ASP A 83 -29.95 -6.58 7.15
C ASP A 83 -28.55 -6.93 7.63
N CYS A 84 -27.75 -7.56 6.77
CA CYS A 84 -26.49 -8.15 7.23
C CYS A 84 -25.32 -7.87 6.33
N ILE A 85 -24.11 -8.04 6.85
CA ILE A 85 -22.95 -8.30 5.98
C ILE A 85 -22.58 -9.77 6.18
N TYR A 86 -22.04 -10.35 5.11
CA TYR A 86 -21.66 -11.75 5.09
C TYR A 86 -20.18 -11.89 4.73
N ALA A 87 -19.44 -12.54 5.62
CA ALA A 87 -18.00 -12.72 5.44
C ALA A 87 -17.71 -14.18 5.52
N GLY A 88 -17.45 -14.80 4.37
CA GLY A 88 -17.29 -16.26 4.23
C GLY A 88 -18.53 -17.05 4.64
N GLY A 89 -19.73 -16.53 4.36
CA GLY A 89 -20.94 -17.16 4.84
C GLY A 89 -21.12 -17.09 6.36
N HIS A 90 -20.30 -16.32 7.06
CA HIS A 90 -20.63 -15.89 8.42
C HIS A 90 -21.52 -14.63 8.38
N ALA A 91 -22.72 -14.70 8.94
CA ALA A 91 -23.66 -13.58 8.87
C ALA A 91 -23.42 -12.63 10.03
N VAL A 92 -23.30 -11.34 9.74
CA VAL A 92 -23.16 -10.33 10.77
C VAL A 92 -24.26 -9.32 10.68
N LYS A 93 -25.06 -9.24 11.73
CA LYS A 93 -26.20 -8.37 11.74
C LYS A 93 -25.78 -6.93 11.84
N CYS A 94 -26.46 -6.05 11.12
CA CYS A 94 -26.12 -4.65 11.13
C CYS A 94 -27.26 -3.80 11.64
N VAL A 95 -26.90 -2.71 12.31
CA VAL A 95 -27.84 -1.77 12.78
C VAL A 95 -27.12 -0.42 12.70
N SER A 96 -27.89 0.65 12.77
CA SER A 96 -27.32 1.98 12.65
C SER A 96 -28.02 2.94 13.64
N ASP A 97 -27.49 3.04 14.85
CA ASP A 97 -28.09 3.90 15.86
C ASP A 97 -26.99 4.50 16.72
N ARG A 98 -26.90 5.83 16.67
CA ARG A 98 -25.84 6.59 17.36
C ARG A 98 -25.97 6.58 18.88
N ASN A 99 -27.09 6.12 19.41
CA ASN A 99 -27.31 6.02 20.85
C ASN A 99 -27.25 4.58 21.33
N PRO A 100 -26.14 4.22 21.97
CA PRO A 100 -25.98 2.83 22.37
C PRO A 100 -27.09 2.25 23.25
N GLU A 101 -27.83 3.11 23.96
CA GLU A 101 -28.90 2.67 24.87
C GLU A 101 -30.01 1.97 24.13
N ASN A 102 -30.14 2.30 22.85
CA ASN A 102 -31.18 1.76 21.99
C ASN A 102 -30.79 0.49 21.25
N LEU A 103 -29.57 -0.01 21.41
CA LEU A 103 -29.12 -1.10 20.58
C LEU A 103 -29.68 -2.47 21.00
N PRO A 104 -29.83 -3.40 20.06
CA PRO A 104 -30.47 -4.71 20.30
C PRO A 104 -29.52 -5.74 20.89
N TRP A 105 -28.74 -5.35 21.88
CA TRP A 105 -27.78 -6.28 22.48
C TRP A 105 -28.47 -7.46 23.17
N SER A 106 -29.52 -7.23 23.94
CA SER A 106 -30.25 -8.37 24.53
C SER A 106 -30.79 -9.31 23.50
N ALA A 107 -31.51 -8.77 22.53
CA ALA A 107 -32.13 -9.58 21.44
C ALA A 107 -31.09 -10.37 20.65
N TRP A 108 -29.90 -9.81 20.43
CA TRP A 108 -28.85 -10.50 19.65
C TRP A 108 -27.97 -11.36 20.52
N GLY A 109 -28.27 -11.41 21.81
CA GLY A 109 -27.50 -12.22 22.75
C GLY A 109 -26.03 -11.79 22.81
N ILE A 110 -25.78 -10.47 22.80
CA ILE A 110 -24.39 -9.98 22.80
C ILE A 110 -23.73 -10.12 24.18
N ASP A 111 -22.55 -10.76 24.18
CA ASP A 111 -21.71 -10.88 25.36
C ASP A 111 -20.72 -9.73 25.56
N LEU A 112 -20.04 -9.35 24.49
CA LEU A 112 -18.93 -8.42 24.53
C LEU A 112 -19.09 -7.40 23.42
N VAL A 113 -19.09 -6.12 23.78
CA VAL A 113 -19.04 -5.09 22.81
C VAL A 113 -17.62 -4.55 22.65
N ILE A 114 -17.20 -4.46 21.40
CA ILE A 114 -15.95 -3.81 21.06
C ILE A 114 -16.29 -2.34 20.73
N GLU A 115 -15.86 -1.44 21.60
CA GLU A 115 -16.32 -0.06 21.50
C GLU A 115 -15.25 0.73 20.78
N ALA A 116 -15.52 1.04 19.51
CA ALA A 116 -14.50 1.56 18.57
C ALA A 116 -15.00 2.80 17.84
N THR A 117 -15.93 3.50 18.44
CA THR A 117 -16.42 4.73 17.85
C THR A 117 -15.53 5.90 18.24
N GLY A 118 -14.79 5.74 19.33
CA GLY A 118 -14.04 6.83 19.92
C GLY A 118 -14.85 7.80 20.78
N VAL A 119 -16.13 7.53 21.01
CA VAL A 119 -17.06 8.46 21.65
C VAL A 119 -17.46 8.02 23.06
N PHE A 120 -17.50 6.72 23.32
CA PHE A 120 -18.03 6.17 24.59
C PHE A 120 -16.88 5.59 25.37
N THR A 121 -15.93 6.47 25.71
CA THR A 121 -14.75 6.06 26.41
C THR A 121 -14.80 6.33 27.93
N SER A 122 -15.86 6.93 28.43
CA SER A 122 -16.01 7.09 29.89
C SER A 122 -16.80 5.89 30.39
N ARG A 123 -16.78 5.66 31.70
CA ARG A 123 -17.49 4.50 32.24
C ARG A 123 -18.93 4.67 31.94
N GLU A 124 -19.45 5.85 32.14
CA GLU A 124 -20.87 6.05 31.96
C GLU A 124 -21.27 5.86 30.49
N GLY A 125 -20.44 6.37 29.58
CA GLY A 125 -20.67 6.23 28.14
C GLY A 125 -20.72 4.77 27.72
N ALA A 126 -19.64 4.06 28.01
CA ALA A 126 -19.56 2.63 27.73
C ALA A 126 -20.66 1.81 28.42
N SER A 127 -21.16 2.26 29.56
CA SER A 127 -22.11 1.44 30.33
C SER A 127 -23.45 1.39 29.63
N LYS A 128 -23.64 2.29 28.68
CA LYS A 128 -24.90 2.31 27.95
C LYS A 128 -25.08 0.98 27.19
N HIS A 129 -23.98 0.36 26.81
CA HIS A 129 -24.04 -0.93 26.15
C HIS A 129 -24.54 -2.01 27.11
N LEU A 130 -24.20 -1.89 28.38
CA LEU A 130 -24.59 -2.83 29.39
C LEU A 130 -26.08 -2.72 29.66
N SER A 131 -26.56 -1.50 29.78
CA SER A 131 -27.97 -1.33 30.04
C SER A 131 -28.81 -1.79 28.81
N ALA A 132 -28.27 -1.63 27.61
CA ALA A 132 -28.90 -2.17 26.42
C ALA A 132 -28.78 -3.70 26.33
N GLY A 133 -27.96 -4.32 27.19
CA GLY A 133 -27.97 -5.78 27.33
C GLY A 133 -26.64 -6.55 27.14
N ALA A 134 -25.57 -5.88 26.72
CA ALA A 134 -24.28 -6.55 26.69
C ALA A 134 -23.77 -6.80 28.12
N LYS A 135 -22.95 -7.84 28.30
CA LYS A 135 -22.35 -8.14 29.62
C LYS A 135 -21.04 -7.37 29.83
N LYS A 136 -20.25 -7.15 28.79
CA LYS A 136 -19.00 -6.43 28.92
C LYS A 136 -18.66 -5.54 27.71
N VAL A 137 -17.78 -4.56 27.95
CA VAL A 137 -17.32 -3.63 26.92
C VAL A 137 -15.82 -3.52 26.98
N LEU A 138 -15.18 -3.62 25.81
CA LEU A 138 -13.72 -3.45 25.65
C LEU A 138 -13.54 -2.22 24.76
N ILE A 139 -13.04 -1.14 25.36
CA ILE A 139 -12.92 0.12 24.67
C ILE A 139 -11.58 0.19 23.93
N THR A 140 -11.61 0.53 22.65
CA THR A 140 -10.41 0.50 21.84
C THR A 140 -9.67 1.84 21.89
N ALA A 141 -9.39 2.32 23.09
CA ALA A 141 -8.82 3.64 23.31
C ALA A 141 -8.61 3.74 24.78
N PRO A 142 -7.89 4.79 25.21
CA PRO A 142 -7.79 5.02 26.64
C PRO A 142 -9.18 5.27 27.23
N GLY A 143 -9.46 4.69 28.38
CA GLY A 143 -10.68 5.03 29.13
C GLY A 143 -10.56 6.37 29.81
N LYS A 144 -11.66 7.02 30.11
CA LYS A 144 -11.65 8.22 30.96
C LYS A 144 -12.08 7.82 32.35
N GLY A 145 -11.12 7.87 33.27
CA GLY A 145 -11.39 7.87 34.67
C GLY A 145 -11.16 6.53 35.29
N ASN A 146 -12.26 5.84 35.51
CA ASN A 146 -12.25 4.79 36.45
C ASN A 146 -12.24 3.45 35.75
N ILE A 147 -11.37 3.26 34.75
CA ILE A 147 -11.47 2.10 33.84
C ILE A 147 -10.16 1.33 33.77
N PRO A 148 -10.20 0.04 34.07
CA PRO A 148 -8.99 -0.77 34.06
C PRO A 148 -8.43 -0.85 32.63
N THR A 149 -7.14 -0.59 32.52
CA THR A 149 -6.44 -0.46 31.27
C THR A 149 -5.49 -1.63 31.15
N TYR A 150 -5.44 -2.27 29.98
CA TYR A 150 -4.53 -3.41 29.76
C TYR A 150 -3.71 -3.22 28.54
N VAL A 151 -2.44 -3.62 28.63
CA VAL A 151 -1.59 -3.83 27.46
C VAL A 151 -1.16 -5.29 27.44
N VAL A 152 -1.48 -5.99 26.34
CA VAL A 152 -1.14 -7.39 26.25
C VAL A 152 0.38 -7.50 26.16
N GLY A 153 0.94 -8.38 27.00
CA GLY A 153 2.38 -8.60 27.16
C GLY A 153 3.03 -7.85 28.30
N VAL A 154 2.26 -6.94 28.93
CA VAL A 154 2.71 -6.10 30.01
C VAL A 154 1.91 -6.45 31.26
N ASN A 155 0.59 -6.36 31.20
CA ASN A 155 -0.24 -6.58 32.41
C ASN A 155 -1.59 -7.27 32.12
N HIS A 156 -1.75 -7.89 30.97
CA HIS A 156 -3.04 -8.49 30.66
C HIS A 156 -3.37 -9.69 31.54
N HIS A 157 -2.38 -10.35 32.10
CA HIS A 157 -2.67 -11.46 33.05
C HIS A 157 -3.28 -10.98 34.38
N THR A 158 -3.18 -9.68 34.70
CA THR A 158 -3.84 -9.12 35.92
C THR A 158 -5.36 -8.92 35.76
N TYR A 159 -5.88 -9.19 34.57
CA TYR A 159 -7.32 -9.01 34.28
C TYR A 159 -8.18 -9.70 35.32
N ASP A 160 -9.16 -9.00 35.82
CA ASP A 160 -10.06 -9.56 36.83
C ASP A 160 -11.33 -9.91 36.08
N PRO A 161 -11.73 -11.21 36.07
CA PRO A 161 -12.90 -11.67 35.30
C PRO A 161 -14.21 -10.99 35.65
N SER A 162 -14.31 -10.35 36.83
CA SER A 162 -15.51 -9.65 37.25
C SER A 162 -15.61 -8.22 36.65
N GLU A 163 -14.59 -7.75 35.93
CA GLU A 163 -14.68 -6.43 35.29
C GLU A 163 -15.63 -6.41 34.08
N ASP A 164 -16.47 -5.41 34.01
CA ASP A 164 -17.47 -5.27 32.95
C ASP A 164 -17.00 -4.27 31.88
N ILE A 165 -16.06 -3.40 32.18
CA ILE A 165 -15.61 -2.41 31.26
C ILE A 165 -14.10 -2.25 31.32
N VAL A 166 -13.43 -2.48 30.20
CA VAL A 166 -12.01 -2.33 30.15
C VAL A 166 -11.57 -1.51 28.91
N SER A 167 -10.29 -1.10 28.94
CA SER A 167 -9.66 -0.35 27.89
C SER A 167 -8.41 -1.08 27.45
N ASN A 168 -8.17 -1.07 26.15
CA ASN A 168 -6.94 -1.65 25.59
C ASN A 168 -5.93 -0.55 25.27
N ALA A 169 -6.13 0.62 25.86
CA ALA A 169 -5.23 1.72 25.72
C ALA A 169 -5.15 2.20 24.29
N SER A 170 -4.07 2.91 23.95
CA SER A 170 -3.86 3.44 22.63
C SER A 170 -2.83 2.63 21.91
N CYS A 171 -2.73 2.87 20.60
CA CYS A 171 -1.69 2.25 19.79
C CYS A 171 -0.30 2.59 20.35
N THR A 172 -0.10 3.88 20.65
CA THR A 172 1.22 4.40 21.07
C THR A 172 1.60 3.81 22.43
N THR A 173 0.64 3.68 23.31
CA THR A 173 0.91 3.09 24.64
C THR A 173 1.21 1.63 24.45
N ASN A 174 0.49 0.96 23.57
CA ASN A 174 0.85 -0.42 23.21
C ASN A 174 2.25 -0.57 22.65
N CYS A 175 2.76 0.45 21.93
CA CYS A 175 4.13 0.35 21.41
C CYS A 175 5.12 0.67 22.53
N LEU A 176 4.85 1.72 23.30
CA LEU A 176 5.82 2.20 24.28
C LEU A 176 5.90 1.28 25.51
N ALA A 177 4.74 0.86 26.02
CA ALA A 177 4.71 0.14 27.31
C ALA A 177 5.60 -1.12 27.38
N PRO A 178 5.65 -1.93 26.33
CA PRO A 178 6.49 -3.11 26.41
C PRO A 178 8.00 -2.79 26.41
N ILE A 179 8.42 -1.83 25.62
CA ILE A 179 9.80 -1.39 25.65
C ILE A 179 10.15 -0.82 27.00
N VAL A 180 9.24 -0.01 27.54
CA VAL A 180 9.49 0.58 28.86
C VAL A 180 9.64 -0.49 29.94
N LYS A 181 8.81 -1.50 29.91
CA LYS A 181 8.88 -2.57 30.90
C LYS A 181 10.26 -3.25 30.85
N VAL A 182 10.72 -3.59 29.67
CA VAL A 182 11.99 -4.30 29.52
C VAL A 182 13.11 -3.43 30.04
N LEU A 183 13.10 -2.18 29.59
CA LEU A 183 14.11 -1.23 30.00
C LEU A 183 14.07 -0.95 31.49
N HIS A 184 12.87 -0.89 32.04
CA HIS A 184 12.72 -0.68 33.46
C HIS A 184 13.31 -1.84 34.28
N GLU A 185 12.94 -3.05 33.91
CA GLU A 185 13.43 -4.22 34.63
C GLU A 185 14.95 -4.38 34.54
N ALA A 186 15.56 -4.01 33.41
CA ALA A 186 17.00 -4.13 33.26
C ALA A 186 17.78 -2.97 33.86
N PHE A 187 17.30 -1.74 33.69
CA PHE A 187 18.14 -0.57 33.99
C PHE A 187 17.57 0.33 35.08
N GLY A 188 16.26 0.25 35.34
CA GLY A 188 15.57 1.15 36.28
C GLY A 188 15.30 2.52 35.69
N ILE A 189 14.10 2.71 35.15
CA ILE A 189 13.70 3.98 34.59
C ILE A 189 13.28 4.98 35.66
N GLN A 190 13.99 6.09 35.75
CA GLN A 190 13.70 7.15 36.71
C GLN A 190 12.77 8.21 36.12
N GLN A 191 13.00 8.58 34.85
CA GLN A 191 12.19 9.59 34.15
C GLN A 191 12.27 9.27 32.65
N GLY A 192 11.27 9.64 31.88
CA GLY A 192 11.36 9.39 30.44
C GLY A 192 10.41 10.26 29.64
N MET A 193 10.90 10.66 28.45
CA MET A 193 10.21 11.51 27.51
C MET A 193 9.99 10.79 26.20
N MET A 194 8.85 11.05 25.60
CA MET A 194 8.45 10.38 24.38
C MET A 194 8.00 11.39 23.34
N THR A 195 8.26 11.08 22.07
CA THR A 195 7.59 11.70 20.93
C THR A 195 7.14 10.60 19.96
N THR A 196 5.88 10.58 19.56
CA THR A 196 5.47 9.63 18.54
C THR A 196 5.31 10.39 17.27
N THR A 197 6.03 9.92 16.24
CA THR A 197 5.94 10.46 14.93
C THR A 197 4.91 9.58 14.23
N HIS A 198 3.70 10.12 14.16
CA HIS A 198 2.49 9.32 13.99
C HIS A 198 1.79 9.64 12.71
N SER A 199 1.28 8.62 12.08
CA SER A 199 0.49 8.83 10.86
C SER A 199 -0.74 9.67 11.19
N TYR A 200 -1.28 10.40 10.21
CA TYR A 200 -2.51 11.12 10.45
C TYR A 200 -3.65 10.16 10.73
N THR A 201 -4.62 10.64 11.49
CA THR A 201 -5.78 9.85 11.83
C THR A 201 -7.04 10.62 11.58
N GLY A 202 -8.18 9.94 11.69
CA GLY A 202 -9.50 10.46 11.27
C GLY A 202 -10.11 11.54 12.14
N ASP A 203 -9.43 11.90 13.22
CA ASP A 203 -9.80 13.09 13.97
C ASP A 203 -9.26 14.40 13.35
N GLN A 204 -8.40 14.31 12.33
CA GLN A 204 -7.82 15.49 11.69
C GLN A 204 -8.64 15.82 10.45
N ARG A 205 -8.73 17.10 10.12
CA ARG A 205 -9.45 17.51 8.95
C ARG A 205 -8.60 17.35 7.66
N LEU A 206 -9.27 17.18 6.52
CA LEU A 206 -8.53 16.95 5.26
C LEU A 206 -8.00 18.23 4.71
N LEU A 207 -8.86 19.25 4.70
CA LEU A 207 -8.44 20.61 4.44
C LEU A 207 -8.74 21.42 5.68
N ASP A 208 -8.01 22.53 5.85
CA ASP A 208 -8.19 23.41 6.98
C ASP A 208 -9.69 23.65 7.23
N ALA A 209 -10.16 23.34 8.42
CA ALA A 209 -11.56 23.49 8.72
C ALA A 209 -11.82 23.47 10.21
N SER A 210 -12.99 23.93 10.53
CA SER A 210 -13.50 24.08 11.85
C SER A 210 -13.15 22.86 12.74
N HIS A 211 -12.57 23.13 13.88
CA HIS A 211 -12.27 22.12 14.84
C HIS A 211 -12.03 22.81 16.19
N ARG A 212 -12.38 22.06 17.21
CA ARG A 212 -12.24 22.36 18.63
C ARG A 212 -10.77 22.47 19.06
N ASP A 213 -9.94 21.61 18.50
CA ASP A 213 -8.48 21.67 18.60
C ASP A 213 -7.93 22.35 17.33
N LEU A 214 -7.28 23.50 17.52
CA LEU A 214 -6.85 24.31 16.39
C LEU A 214 -5.73 23.68 15.57
N ARG A 215 -5.11 22.63 16.09
CA ARG A 215 -4.08 21.91 15.37
C ARG A 215 -4.73 20.80 14.52
N ARG A 216 -5.63 20.05 15.13
CA ARG A 216 -6.43 19.06 14.37
C ARG A 216 -7.25 19.66 13.22
N ALA A 217 -7.50 20.96 13.27
CA ALA A 217 -8.22 21.68 12.22
C ALA A 217 -7.48 21.75 10.89
N ARG A 218 -6.17 21.58 10.94
CA ARG A 218 -5.33 21.95 9.82
C ARG A 218 -5.15 20.77 8.89
N ALA A 219 -4.93 21.07 7.60
CA ALA A 219 -4.89 20.05 6.55
C ALA A 219 -3.89 18.94 6.89
N ALA A 220 -4.41 17.75 7.13
CA ALA A 220 -3.57 16.67 7.68
C ALA A 220 -2.46 16.22 6.76
N ALA A 221 -2.73 16.19 5.46
CA ALA A 221 -1.76 15.60 4.52
C ALA A 221 -0.75 16.61 4.02
N MET A 222 -0.89 17.85 4.49
N MET A 222 -0.88 17.84 4.47
CA MET A 222 -0.02 18.96 4.12
CA MET A 222 0.01 18.90 4.02
C MET A 222 0.91 19.40 5.21
C MET A 222 0.81 19.48 5.20
N ASN A 223 0.69 18.92 6.41
CA ASN A 223 1.36 19.47 7.59
C ASN A 223 1.94 18.42 8.56
N ILE A 224 2.97 18.83 9.29
CA ILE A 224 3.36 18.21 10.51
C ILE A 224 2.54 18.93 11.58
N VAL A 225 1.81 18.14 12.35
CA VAL A 225 0.80 18.65 13.29
C VAL A 225 1.04 18.11 14.71
N PRO A 226 1.51 18.96 15.61
CA PRO A 226 1.64 18.50 16.99
C PRO A 226 0.30 18.36 17.67
N THR A 227 0.23 17.36 18.53
CA THR A 227 -0.87 17.22 19.47
C THR A 227 -0.33 16.72 20.82
N SER A 228 -1.02 17.13 21.87
CA SER A 228 -0.79 16.54 23.15
C SER A 228 -1.20 15.05 23.08
N THR A 229 -0.59 14.22 23.90
CA THR A 229 -0.95 12.80 23.96
C THR A 229 -0.93 12.40 25.42
N GLY A 230 -1.79 11.44 25.77
CA GLY A 230 -1.78 10.81 27.12
C GLY A 230 -0.96 9.52 27.11
N ALA A 231 -0.38 9.18 25.97
CA ALA A 231 0.21 7.81 25.83
C ALA A 231 1.35 7.52 26.82
N ALA A 232 2.19 8.50 27.09
CA ALA A 232 3.32 8.27 27.95
C ALA A 232 2.87 8.17 29.41
N LYS A 233 1.99 9.04 29.86
CA LYS A 233 1.42 8.92 31.21
C LYS A 233 0.69 7.63 31.43
N ALA A 234 0.02 7.15 30.39
CA ALA A 234 -0.74 5.88 30.45
C ALA A 234 0.14 4.62 30.70
N VAL A 235 1.42 4.69 30.37
CA VAL A 235 2.29 3.61 30.66
C VAL A 235 2.28 3.41 32.16
N GLY A 236 2.21 4.52 32.91
CA GLY A 236 2.04 4.48 34.35
C GLY A 236 0.80 3.78 34.91
N LEU A 237 -0.24 3.66 34.11
CA LEU A 237 -1.37 2.85 34.51
C LEU A 237 -0.98 1.39 34.47
N VAL A 238 -0.23 0.95 33.47
CA VAL A 238 -0.05 -0.49 33.28
C VAL A 238 1.25 -0.96 33.93
N ILE A 239 2.14 -0.01 34.22
CA ILE A 239 3.34 -0.27 35.01
C ILE A 239 3.30 0.72 36.19
N PRO A 240 2.50 0.42 37.21
CA PRO A 240 2.25 1.42 38.28
C PRO A 240 3.52 2.02 38.92
N GLU A 241 4.63 1.25 39.04
CA GLU A 241 5.90 1.83 39.55
C GLU A 241 6.34 3.08 38.77
N LEU A 242 5.93 3.23 37.51
CA LEU A 242 6.33 4.38 36.71
C LEU A 242 5.31 5.50 36.62
N GLN A 243 4.30 5.43 37.47
CA GLN A 243 3.24 6.42 37.38
C GLN A 243 3.84 7.81 37.70
N GLY A 244 3.50 8.77 36.85
CA GLY A 244 4.00 10.17 36.97
C GLY A 244 5.45 10.35 36.51
N LYS A 245 6.06 9.31 35.96
CA LYS A 245 7.45 9.42 35.54
C LYS A 245 7.71 9.57 34.05
N LEU A 246 6.68 9.60 33.25
CA LEU A 246 6.78 9.64 31.81
C LEU A 246 5.93 10.74 31.26
N ASN A 247 6.41 11.45 30.24
CA ASN A 247 5.52 12.37 29.48
C ASN A 247 5.93 12.36 28.02
N GLY A 248 5.10 12.95 27.18
CA GLY A 248 5.50 13.15 25.79
C GLY A 248 4.46 13.87 24.98
N ILE A 249 4.70 13.88 23.65
CA ILE A 249 3.88 14.57 22.68
C ILE A 249 3.78 13.78 21.41
N ALA A 250 2.89 14.24 20.53
CA ALA A 250 2.73 13.59 19.25
C ALA A 250 2.98 14.61 18.16
N LEU A 251 3.49 14.11 17.03
CA LEU A 251 3.63 14.90 15.81
C LEU A 251 3.02 14.07 14.73
N ARG A 252 1.88 14.51 14.19
CA ARG A 252 1.23 13.80 13.09
C ARG A 252 1.83 14.25 11.79
N VAL A 253 2.11 13.31 10.90
CA VAL A 253 2.82 13.64 9.64
C VAL A 253 2.10 13.04 8.47
N PRO A 254 2.39 13.50 7.24
CA PRO A 254 1.55 13.04 6.14
C PRO A 254 1.79 11.62 5.62
N THR A 255 1.74 10.61 6.48
CA THR A 255 1.53 9.23 6.09
C THR A 255 0.20 8.75 6.68
N PRO A 256 -0.54 7.85 5.97
CA PRO A 256 -1.86 7.38 6.39
C PRO A 256 -1.86 6.25 7.41
N ASN A 257 -0.72 5.57 7.56
CA ASN A 257 -0.58 4.50 8.57
C ASN A 257 0.88 4.13 8.83
N VAL A 258 1.13 3.55 10.00
CA VAL A 258 2.42 3.21 10.55
C VAL A 258 2.97 4.41 11.25
N SER A 259 3.48 4.18 12.46
CA SER A 259 3.97 5.24 13.33
C SER A 259 5.27 4.79 13.99
N VAL A 260 5.92 5.71 14.70
CA VAL A 260 7.17 5.38 15.37
C VAL A 260 7.27 6.15 16.68
N VAL A 261 7.66 5.44 17.75
CA VAL A 261 7.89 6.02 19.03
C VAL A 261 9.39 6.27 19.21
N ASP A 262 9.72 7.46 19.71
CA ASP A 262 11.07 7.86 20.08
C ASP A 262 11.06 8.04 21.59
N PHE A 263 11.87 7.30 22.30
CA PHE A 263 11.80 7.34 23.76
C PHE A 263 13.20 7.58 24.34
N VAL A 264 13.31 8.62 25.15
CA VAL A 264 14.54 9.03 25.82
C VAL A 264 14.33 8.93 27.30
N ALA A 265 15.07 8.02 27.92
CA ALA A 265 14.91 7.74 29.34
C ALA A 265 16.16 8.05 30.15
N GLN A 266 15.93 8.47 31.37
CA GLN A 266 16.97 8.55 32.33
C GLN A 266 16.83 7.24 33.12
N VAL A 267 17.91 6.47 33.14
CA VAL A 267 17.97 5.18 33.85
C VAL A 267 19.04 5.20 34.95
N GLU A 268 18.89 4.27 35.87
CA GLU A 268 19.69 4.24 37.09
C GLU A 268 21.02 3.51 36.84
N LYS A 269 20.95 2.35 36.21
CA LYS A 269 22.08 1.47 35.99
C LYS A 269 22.77 1.89 34.68
N PRO A 270 24.02 2.32 34.76
CA PRO A 270 24.75 2.82 33.58
C PRO A 270 24.92 1.76 32.49
N THR A 271 24.71 2.16 31.25
CA THR A 271 24.75 1.18 30.16
C THR A 271 25.25 1.85 28.88
N ILE A 272 25.24 1.09 27.78
CA ILE A 272 25.61 1.52 26.46
C ILE A 272 24.65 0.94 25.44
N ALA A 273 24.69 1.51 24.23
CA ALA A 273 23.77 1.12 23.16
C ALA A 273 23.72 -0.40 22.92
N GLU A 274 24.89 -1.03 22.86
CA GLU A 274 24.97 -2.45 22.58
C GLU A 274 24.23 -3.29 23.62
N GLN A 275 24.28 -2.83 24.86
CA GLN A 275 23.68 -3.59 25.96
C GLN A 275 22.20 -3.36 25.99
N VAL A 276 21.78 -2.15 25.69
CA VAL A 276 20.32 -1.84 25.58
C VAL A 276 19.70 -2.71 24.47
N ASN A 277 20.33 -2.72 23.30
CA ASN A 277 19.87 -3.56 22.21
C ASN A 277 19.86 -5.06 22.58
N GLN A 278 20.92 -5.51 23.21
CA GLN A 278 21.03 -6.91 23.57
C GLN A 278 19.87 -7.31 24.48
N VAL A 279 19.55 -6.46 25.43
CA VAL A 279 18.51 -6.74 26.41
C VAL A 279 17.15 -6.77 25.74
N ILE A 280 16.88 -5.84 24.83
CA ILE A 280 15.62 -5.88 24.11
C ILE A 280 15.57 -7.04 23.09
N LYS A 281 16.68 -7.35 22.42
CA LYS A 281 16.72 -8.58 21.62
C LYS A 281 16.32 -9.82 22.45
N GLU A 282 16.95 -10.00 23.60
CA GLU A 282 16.69 -11.20 24.45
C GLU A 282 15.20 -11.22 24.85
N ALA A 283 14.64 -10.07 25.20
CA ALA A 283 13.22 -10.07 25.59
C ALA A 283 12.37 -10.46 24.37
N SER A 284 12.72 -9.96 23.18
CA SER A 284 11.91 -10.23 21.99
C SER A 284 11.88 -11.72 21.63
N GLU A 285 12.89 -12.46 22.09
CA GLU A 285 12.98 -13.90 21.85
C GLU A 285 12.42 -14.73 22.99
N THR A 286 12.02 -14.12 24.09
CA THR A 286 11.51 -14.88 25.23
C THR A 286 10.22 -14.26 25.75
N THR A 287 10.34 -13.38 26.75
CA THR A 287 9.17 -12.85 27.50
C THR A 287 8.27 -11.97 26.66
N MET A 288 8.82 -11.33 25.66
CA MET A 288 8.03 -10.43 24.84
C MET A 288 7.88 -10.96 23.43
N LYS A 289 8.07 -12.26 23.25
CA LYS A 289 7.90 -12.81 21.93
C LYS A 289 6.46 -12.57 21.44
N GLY A 290 6.36 -12.09 20.20
CA GLY A 290 5.09 -11.75 19.55
C GLY A 290 4.61 -10.36 19.92
N ILE A 291 5.25 -9.71 20.88
CA ILE A 291 4.86 -8.36 21.27
C ILE A 291 5.89 -7.34 20.78
N ILE A 292 7.18 -7.67 21.01
CA ILE A 292 8.30 -6.85 20.53
C ILE A 292 9.03 -7.68 19.47
N HIS A 293 9.31 -7.04 18.35
CA HIS A 293 10.23 -7.61 17.37
C HIS A 293 11.51 -6.77 17.37
N TYR A 294 12.65 -7.45 17.24
CA TYR A 294 13.94 -6.79 17.23
C TYR A 294 14.43 -6.82 15.81
N SER A 295 14.75 -5.65 15.27
CA SER A 295 15.24 -5.53 13.88
C SER A 295 16.53 -4.73 13.74
N GLU A 296 17.47 -5.28 12.98
CA GLU A 296 18.71 -4.65 12.61
C GLU A 296 18.72 -4.26 11.13
N LEU A 297 17.57 -4.37 10.50
CA LEU A 297 17.46 -4.06 9.07
C LEU A 297 17.20 -2.57 8.88
N GLU A 298 17.63 -2.07 7.76
CA GLU A 298 17.47 -0.67 7.39
C GLU A 298 16.16 -0.43 6.59
N LEU A 299 15.06 -0.41 7.33
CA LEU A 299 13.74 -0.36 6.73
C LEU A 299 13.11 0.97 6.97
N VAL A 300 11.96 1.16 6.36
CA VAL A 300 11.19 2.41 6.47
C VAL A 300 9.74 2.10 6.76
N SER A 301 8.93 3.11 7.05
CA SER A 301 7.57 2.89 7.53
C SER A 301 6.72 1.88 6.72
N SER A 302 6.75 1.97 5.40
CA SER A 302 6.00 1.04 4.56
C SER A 302 6.25 -0.40 4.86
N ASP A 303 7.50 -0.74 5.18
CA ASP A 303 7.86 -2.12 5.40
C ASP A 303 7.17 -2.71 6.61
N TYR A 304 6.67 -1.85 7.51
CA TYR A 304 6.04 -2.30 8.72
C TYR A 304 4.48 -2.31 8.60
N ARG A 305 3.91 -2.06 7.41
CA ARG A 305 2.44 -2.35 7.25
C ARG A 305 2.10 -3.78 7.48
N GLY A 306 1.10 -4.03 8.30
CA GLY A 306 0.65 -5.38 8.57
C GLY A 306 1.49 -6.15 9.58
N HIS A 307 2.48 -5.53 10.20
CA HIS A 307 3.32 -6.24 11.19
C HIS A 307 2.53 -6.50 12.46
N ASN A 308 2.67 -7.69 13.02
CA ASN A 308 1.80 -8.14 14.15
C ASN A 308 2.29 -7.74 15.57
N ALA A 309 3.52 -7.24 15.65
CA ALA A 309 4.12 -6.81 16.90
C ALA A 309 3.55 -5.47 17.33
N SER A 310 3.50 -5.27 18.63
CA SER A 310 3.17 -3.98 19.21
C SER A 310 4.32 -2.97 19.05
N SER A 311 5.56 -3.46 19.03
CA SER A 311 6.74 -2.57 18.91
C SER A 311 7.76 -3.27 18.07
N ILE A 312 8.32 -2.57 17.09
CA ILE A 312 9.48 -3.10 16.40
C ILE A 312 10.65 -2.19 16.71
N LEU A 313 11.59 -2.67 17.50
CA LEU A 313 12.75 -1.87 17.85
C LEU A 313 13.67 -1.70 16.67
N ASP A 314 14.07 -0.47 16.40
CA ASP A 314 14.98 -0.24 15.29
C ASP A 314 16.38 -0.10 15.87
N ALA A 315 17.05 -1.23 15.98
CA ALA A 315 18.33 -1.35 16.68
C ALA A 315 19.40 -0.34 16.26
N SER A 316 19.51 -0.01 15.00
CA SER A 316 20.54 0.97 14.56
C SER A 316 20.36 2.35 15.05
N LEU A 317 19.20 2.67 15.54
CA LEU A 317 18.92 3.99 16.00
C LEU A 317 19.20 4.16 17.50
N THR A 318 19.46 3.07 18.22
CA THR A 318 19.67 3.12 19.67
C THR A 318 20.98 3.85 19.99
N MET A 319 20.93 4.70 21.01
CA MET A 319 22.08 5.50 21.42
C MET A 319 21.95 5.87 22.88
N VAL A 320 23.10 6.03 23.51
CA VAL A 320 23.21 6.31 24.93
C VAL A 320 24.30 7.34 25.21
N LEU A 321 24.01 8.29 26.08
CA LEU A 321 25.03 9.29 26.53
C LEU A 321 25.25 9.25 28.03
N GLY A 322 26.52 9.26 28.41
CA GLY A 322 26.96 9.37 29.79
C GLY A 322 26.41 8.26 30.67
N GLY A 323 26.18 7.08 30.10
CA GLY A 323 25.72 5.92 30.87
C GLY A 323 24.22 5.83 31.13
N ASN A 324 23.60 6.98 31.35
CA ASN A 324 22.26 7.07 31.90
C ASN A 324 21.18 7.63 30.99
N LEU A 325 21.54 8.30 29.90
CA LEU A 325 20.52 8.83 28.98
C LEU A 325 20.37 7.95 27.74
N VAL A 326 19.29 7.20 27.69
CA VAL A 326 19.05 6.16 26.69
C VAL A 326 17.97 6.55 25.68
N LYS A 327 18.28 6.47 24.38
CA LYS A 327 17.28 6.67 23.32
C LYS A 327 17.01 5.40 22.55
N VAL A 328 15.72 5.03 22.43
CA VAL A 328 15.28 3.91 21.61
C VAL A 328 14.14 4.34 20.73
N VAL A 329 14.03 3.62 19.60
CA VAL A 329 13.11 3.96 18.56
C VAL A 329 12.41 2.70 18.07
N ALA A 330 11.09 2.74 18.06
CA ALA A 330 10.29 1.58 17.79
C ALA A 330 9.13 1.92 16.88
N TRP A 331 9.02 1.13 15.80
CA TRP A 331 7.94 1.24 14.87
C TRP A 331 6.70 0.50 15.37
N TYR A 332 5.53 0.89 14.83
CA TYR A 332 4.28 0.18 15.06
C TYR A 332 3.27 0.50 14.00
N ASP A 333 2.55 -0.53 13.59
CA ASP A 333 1.41 -0.32 12.72
C ASP A 333 0.24 -0.01 13.62
N ASN A 334 -0.13 1.26 13.66
CA ASN A 334 -1.09 1.75 14.64
C ASN A 334 -2.49 1.22 14.43
N GLU A 335 -2.85 0.83 13.21
CA GLU A 335 -4.17 0.28 12.92
C GLU A 335 -4.21 -1.24 13.13
N TRP A 336 -3.29 -1.94 12.44
CA TRP A 336 -3.29 -3.38 12.39
C TRP A 336 -2.69 -4.02 13.67
N GLY A 337 -1.53 -3.54 14.06
CA GLY A 337 -0.88 -4.08 15.28
C GLY A 337 -1.74 -3.92 16.54
N TYR A 338 -2.26 -2.70 16.68
CA TYR A 338 -3.20 -2.40 17.77
C TYR A 338 -4.45 -3.29 17.66
N SER A 339 -4.99 -3.47 16.48
CA SER A 339 -6.19 -4.30 16.32
C SER A 339 -5.91 -5.78 16.64
N GLN A 340 -4.69 -6.23 16.39
CA GLN A 340 -4.31 -7.57 16.80
C GLN A 340 -4.30 -7.68 18.32
N ARG A 341 -3.93 -6.61 19.00
CA ARG A 341 -3.87 -6.62 20.46
C ARG A 341 -5.29 -6.58 21.02
N VAL A 342 -6.17 -5.82 20.38
CA VAL A 342 -7.53 -5.78 20.79
C VAL A 342 -8.08 -7.19 20.78
N LEU A 343 -7.85 -7.89 19.68
CA LEU A 343 -8.33 -9.27 19.53
C LEU A 343 -7.71 -10.16 20.61
N ASP A 344 -6.41 -10.02 20.85
CA ASP A 344 -5.77 -10.82 21.94
C ASP A 344 -6.42 -10.60 23.28
N LEU A 345 -6.72 -9.34 23.56
CA LEU A 345 -7.32 -8.99 24.85
C LEU A 345 -8.71 -9.59 24.90
N ALA A 346 -9.48 -9.53 23.81
CA ALA A 346 -10.80 -10.12 23.79
C ALA A 346 -10.76 -11.64 23.95
N GLU A 347 -9.86 -12.32 23.24
CA GLU A 347 -9.69 -13.77 23.38
C GLU A 347 -9.36 -14.12 24.84
N HIS A 348 -8.52 -13.29 25.46
CA HIS A 348 -8.16 -13.49 26.86
C HIS A 348 -9.34 -13.36 27.80
N MET A 349 -10.16 -12.33 27.60
CA MET A 349 -11.38 -12.17 28.36
C MET A 349 -12.33 -13.39 28.12
N ALA A 350 -12.41 -13.86 26.88
CA ALA A 350 -13.30 -14.98 26.61
C ALA A 350 -12.84 -16.26 27.32
N ALA A 351 -11.51 -16.46 27.39
CA ALA A 351 -10.91 -17.60 28.14
C ALA A 351 -10.97 -17.49 29.68
N HIS A 352 -11.41 -16.35 30.18
CA HIS A 352 -11.51 -16.13 31.59
C HIS A 352 -12.86 -15.45 31.87
N TRP A 353 -13.90 -15.91 31.17
CA TRP A 353 -15.19 -15.30 31.22
C TRP A 353 -15.92 -15.59 32.49
N ALA A 354 -16.36 -14.55 33.20
CA ALA A 354 -17.48 -14.65 34.18
C ALA A 354 -18.38 -13.39 34.20
N SER B 17 14.58 -26.94 -23.86
CA SER B 17 15.35 -26.14 -22.88
C SER B 17 14.92 -24.64 -22.85
N MET B 18 15.40 -23.97 -21.82
CA MET B 18 14.94 -22.63 -21.47
C MET B 18 15.51 -21.51 -22.37
N VAL B 19 14.86 -20.36 -22.41
CA VAL B 19 15.41 -19.17 -23.02
C VAL B 19 16.08 -18.36 -21.90
N ARG B 20 17.35 -18.03 -22.11
CA ARG B 20 18.18 -17.46 -21.05
C ARG B 20 18.11 -15.94 -21.08
N VAL B 21 17.63 -15.37 -19.97
CA VAL B 21 17.25 -13.99 -19.92
C VAL B 21 18.14 -13.19 -18.99
N ALA B 22 18.54 -12.00 -19.46
CA ALA B 22 19.17 -11.05 -18.60
C ALA B 22 18.36 -9.78 -18.57
N ILE B 23 18.25 -9.18 -17.38
CA ILE B 23 17.62 -7.89 -17.18
C ILE B 23 18.69 -6.80 -17.14
N ASN B 24 18.55 -5.80 -18.00
CA ASN B 24 19.41 -4.64 -18.02
C ASN B 24 18.64 -3.50 -17.44
N GLY B 25 19.04 -3.07 -16.26
CA GLY B 25 18.30 -2.04 -15.55
C GLY B 25 17.34 -2.65 -14.52
N PHE B 26 17.74 -2.65 -13.28
CA PHE B 26 16.98 -3.31 -12.23
C PHE B 26 16.18 -2.26 -11.48
N GLY B 27 15.32 -1.55 -12.19
CA GLY B 27 14.59 -0.43 -11.65
C GLY B 27 13.17 -0.80 -11.30
N ARG B 28 12.22 0.13 -11.37
CA ARG B 28 10.85 -0.25 -11.02
C ARG B 28 10.36 -1.38 -11.98
N ILE B 29 10.59 -1.22 -13.29
CA ILE B 29 10.14 -2.23 -14.26
C ILE B 29 10.99 -3.48 -14.15
N GLY B 30 12.30 -3.34 -14.11
CA GLY B 30 13.15 -4.51 -13.93
C GLY B 30 12.82 -5.36 -12.71
N ARG B 31 12.50 -4.75 -11.58
CA ARG B 31 12.19 -5.51 -10.38
C ARG B 31 10.76 -5.99 -10.34
N ASN B 32 9.78 -5.19 -10.81
CA ASN B 32 8.44 -5.71 -11.02
C ASN B 32 8.46 -6.95 -11.96
N PHE B 33 9.20 -6.86 -13.07
CA PHE B 33 9.32 -7.97 -14.01
C PHE B 33 9.86 -9.21 -13.35
N MET B 34 10.90 -9.02 -12.56
CA MET B 34 11.51 -10.11 -11.88
C MET B 34 10.51 -10.75 -10.94
N ARG B 35 9.73 -9.94 -10.22
CA ARG B 35 8.72 -10.48 -9.30
C ARG B 35 7.61 -11.22 -10.05
N CYS B 36 7.20 -10.72 -11.20
CA CYS B 36 6.25 -11.41 -12.04
C CYS B 36 6.78 -12.78 -12.46
N TRP B 37 8.06 -12.83 -12.87
CA TRP B 37 8.66 -14.09 -13.28
C TRP B 37 8.71 -15.08 -12.12
N LEU B 38 9.08 -14.61 -10.95
CA LEU B 38 9.18 -15.51 -9.77
C LEU B 38 7.84 -16.15 -9.44
N GLN B 39 6.73 -15.43 -9.68
CA GLN B 39 5.38 -15.99 -9.39
C GLN B 39 4.90 -16.97 -10.44
N ARG B 40 5.41 -16.85 -11.66
CA ARG B 40 4.93 -17.67 -12.73
C ARG B 40 6.03 -18.62 -13.19
N LYS B 41 7.07 -18.79 -12.37
CA LYS B 41 8.31 -19.50 -12.73
C LYS B 41 8.09 -20.96 -13.14
N ALA B 42 7.24 -21.69 -12.40
CA ALA B 42 6.97 -23.10 -12.71
C ALA B 42 6.48 -23.37 -14.16
N ASN B 43 5.68 -22.48 -14.77
CA ASN B 43 5.18 -22.74 -16.14
C ASN B 43 5.91 -22.04 -17.27
N SER B 44 7.08 -21.50 -16.97
CA SER B 44 7.76 -20.55 -17.83
C SER B 44 8.79 -21.22 -18.77
N LYS B 45 9.04 -20.59 -19.92
CA LYS B 45 10.13 -21.02 -20.82
C LYS B 45 11.36 -20.09 -20.71
N LEU B 46 11.33 -19.18 -19.73
CA LEU B 46 12.39 -18.24 -19.49
C LEU B 46 13.12 -18.58 -18.21
N GLU B 47 14.42 -18.40 -18.23
CA GLU B 47 15.23 -18.55 -17.03
C GLU B 47 16.02 -17.27 -16.91
N ILE B 48 15.81 -16.53 -15.81
CA ILE B 48 16.51 -15.27 -15.61
C ILE B 48 17.81 -15.59 -14.94
N VAL B 49 18.90 -15.38 -15.69
CA VAL B 49 20.22 -15.86 -15.28
C VAL B 49 21.17 -14.73 -14.99
N GLY B 50 20.84 -13.53 -15.44
CA GLY B 50 21.70 -12.36 -15.20
C GLY B 50 20.97 -11.02 -15.08
N ILE B 51 21.56 -10.13 -14.26
CA ILE B 51 21.15 -8.75 -14.12
C ILE B 51 22.36 -7.84 -14.24
N ASN B 52 22.22 -6.77 -14.98
CA ASN B 52 23.17 -5.67 -14.98
C ASN B 52 22.48 -4.41 -14.50
N ASP B 53 23.15 -3.63 -13.67
CA ASP B 53 22.54 -2.42 -13.10
C ASP B 53 23.62 -1.57 -12.54
N THR B 54 23.34 -0.30 -12.29
CA THR B 54 24.38 0.59 -11.74
C THR B 54 24.76 0.17 -10.32
N SER B 55 23.82 -0.46 -9.66
CA SER B 55 23.90 -0.79 -8.27
C SER B 55 24.52 -2.17 -8.10
N ASP B 56 24.93 -2.49 -6.90
CA ASP B 56 25.52 -3.80 -6.58
C ASP B 56 24.47 -4.88 -6.18
N PRO B 57 24.89 -6.15 -6.07
CA PRO B 57 23.91 -7.20 -5.75
C PRO B 57 23.20 -7.01 -4.42
N ARG B 58 23.90 -6.56 -3.37
CA ARG B 58 23.25 -6.41 -2.05
C ARG B 58 22.20 -5.35 -2.02
N THR B 59 22.49 -4.21 -2.62
CA THR B 59 21.47 -3.21 -2.85
C THR B 59 20.29 -3.80 -3.68
N ASN B 60 20.55 -4.51 -4.76
CA ASN B 60 19.46 -5.06 -5.59
C ASN B 60 18.58 -6.06 -4.91
N ALA B 61 19.21 -6.93 -4.13
CA ALA B 61 18.50 -7.92 -3.33
C ALA B 61 17.58 -7.27 -2.32
N HIS B 62 18.11 -6.24 -1.67
CA HIS B 62 17.37 -5.52 -0.64
C HIS B 62 16.12 -4.86 -1.24
N LEU B 63 16.33 -4.12 -2.33
CA LEU B 63 15.21 -3.46 -3.02
C LEU B 63 14.23 -4.43 -3.69
N LEU B 64 14.70 -5.56 -4.21
CA LEU B 64 13.81 -6.59 -4.72
C LEU B 64 12.93 -7.09 -3.59
N LYS B 65 13.50 -7.23 -2.40
CA LYS B 65 12.71 -7.80 -1.33
C LYS B 65 11.76 -6.79 -0.68
N TYR B 66 12.25 -5.58 -0.40
CA TYR B 66 11.52 -4.52 0.30
C TYR B 66 11.09 -3.49 -0.75
N ASP B 67 9.78 -3.42 -1.01
CA ASP B 67 9.22 -2.56 -2.03
C ASP B 67 8.07 -1.76 -1.43
N SER B 68 8.16 -0.44 -1.49
CA SER B 68 7.14 0.43 -0.88
C SER B 68 5.70 0.25 -1.49
N MET B 69 5.63 -0.16 -2.75
CA MET B 69 4.41 -0.38 -3.47
C MET B 69 3.99 -1.84 -3.41
N LEU B 70 4.90 -2.78 -3.70
CA LEU B 70 4.51 -4.21 -3.72
C LEU B 70 4.52 -4.90 -2.38
N GLY B 71 5.08 -4.27 -1.35
CA GLY B 71 5.23 -4.90 -0.07
C GLY B 71 6.43 -5.85 -0.08
N ILE B 72 6.60 -6.54 1.04
CA ILE B 72 7.72 -7.44 1.22
C ILE B 72 7.45 -8.72 0.42
N PHE B 73 8.46 -9.19 -0.31
CA PHE B 73 8.36 -10.42 -1.10
C PHE B 73 8.45 -11.62 -0.17
N GLN B 74 7.33 -12.33 0.00
CA GLN B 74 7.27 -13.44 0.95
C GLN B 74 7.38 -14.83 0.29
N ASP B 75 7.12 -14.93 -1.02
CA ASP B 75 7.06 -16.23 -1.67
C ASP B 75 8.34 -17.07 -1.41
N ALA B 76 9.52 -16.45 -1.39
CA ALA B 76 10.75 -17.21 -1.15
C ALA B 76 11.89 -16.30 -0.74
N GLU B 77 12.92 -16.91 -0.18
CA GLU B 77 14.05 -16.22 0.37
C GLU B 77 14.83 -15.45 -0.69
N ILE B 78 15.20 -14.22 -0.36
CA ILE B 78 16.02 -13.41 -1.23
C ILE B 78 17.31 -13.04 -0.52
N THR B 79 18.42 -13.29 -1.20
CA THR B 79 19.71 -13.18 -0.57
C THR B 79 20.73 -12.73 -1.61
N ALA B 80 21.91 -12.30 -1.14
CA ALA B 80 22.96 -11.81 -2.04
C ALA B 80 24.37 -12.04 -1.55
N ASP B 81 25.30 -12.19 -2.48
CA ASP B 81 26.74 -12.10 -2.13
C ASP B 81 27.41 -11.07 -3.05
N ASP B 82 28.73 -11.05 -3.15
CA ASP B 82 29.40 -10.06 -4.01
C ASP B 82 29.03 -10.27 -5.49
N ASP B 83 28.71 -11.50 -5.88
CA ASP B 83 28.57 -11.87 -7.30
C ASP B 83 27.11 -12.04 -7.72
N CYS B 84 26.26 -12.54 -6.83
CA CYS B 84 24.92 -12.99 -7.25
C CYS B 84 23.82 -12.51 -6.32
N ILE B 85 22.62 -12.54 -6.84
CA ILE B 85 21.43 -12.50 -6.02
C ILE B 85 20.79 -13.87 -6.12
N TYR B 86 20.17 -14.30 -5.02
CA TYR B 86 19.55 -15.63 -4.94
C TYR B 86 18.07 -15.47 -4.56
N ALA B 87 17.21 -15.99 -5.41
CA ALA B 87 15.76 -15.90 -5.20
C ALA B 87 15.23 -17.32 -5.21
N GLY B 88 14.91 -17.83 -4.01
CA GLY B 88 14.49 -19.20 -3.82
C GLY B 88 15.54 -20.23 -4.20
N GLY B 89 16.83 -19.92 -3.98
CA GLY B 89 17.89 -20.78 -4.50
C GLY B 89 18.03 -20.84 -6.01
N HIS B 90 17.37 -19.94 -6.73
CA HIS B 90 17.79 -19.65 -8.11
C HIS B 90 18.89 -18.56 -8.10
N ALA B 91 20.06 -18.87 -8.63
CA ALA B 91 21.18 -17.90 -8.65
C ALA B 91 21.09 -16.98 -9.87
N VAL B 92 21.19 -15.67 -9.64
CA VAL B 92 21.22 -14.72 -10.74
C VAL B 92 22.49 -13.94 -10.67
N LYS B 93 23.28 -14.01 -11.73
CA LYS B 93 24.57 -13.35 -11.78
C LYS B 93 24.38 -11.84 -11.95
N CYS B 94 25.19 -11.09 -11.24
CA CYS B 94 25.08 -9.63 -11.28
C CYS B 94 26.35 -9.04 -11.84
N VAL B 95 26.19 -7.96 -12.59
CA VAL B 95 27.30 -7.22 -13.11
C VAL B 95 26.83 -5.77 -13.06
N SER B 96 27.77 -4.86 -13.17
CA SER B 96 27.45 -3.46 -13.02
C SER B 96 28.28 -2.60 -13.99
N ASP B 97 27.82 -2.52 -15.24
CA ASP B 97 28.56 -1.80 -16.27
C ASP B 97 27.55 -1.02 -17.08
N ARG B 98 27.70 0.28 -17.03
CA ARG B 98 26.80 1.17 -17.72
C ARG B 98 26.85 1.12 -19.26
N ASN B 99 27.86 0.44 -19.83
CA ASN B 99 28.03 0.34 -21.24
C ASN B 99 27.69 -1.08 -21.71
N PRO B 100 26.53 -1.23 -22.36
CA PRO B 100 26.10 -2.55 -22.74
C PRO B 100 27.03 -3.31 -23.68
N GLU B 101 27.91 -2.61 -24.40
CA GLU B 101 28.88 -3.24 -25.28
C GLU B 101 29.86 -4.14 -24.54
N ASN B 102 30.10 -3.83 -23.27
CA ASN B 102 31.03 -4.57 -22.41
C ASN B 102 30.39 -5.75 -21.66
N LEU B 103 29.11 -5.99 -21.82
CA LEU B 103 28.45 -6.99 -20.96
C LEU B 103 28.74 -8.45 -21.36
N PRO B 104 28.72 -9.36 -20.39
CA PRO B 104 29.12 -10.77 -20.63
C PRO B 104 28.05 -11.66 -21.24
N TRP B 105 27.34 -11.15 -22.24
CA TRP B 105 26.21 -11.87 -22.76
C TRP B 105 26.60 -13.17 -23.48
N SER B 106 27.65 -13.14 -24.29
CA SER B 106 28.13 -14.41 -24.88
C SER B 106 28.57 -15.42 -23.81
N ALA B 107 29.38 -14.94 -22.87
CA ALA B 107 29.89 -15.79 -21.79
C ALA B 107 28.77 -16.39 -20.94
N TRP B 108 27.68 -15.65 -20.73
CA TRP B 108 26.57 -16.18 -19.93
C TRP B 108 25.53 -16.90 -20.77
N GLY B 109 25.78 -17.02 -22.08
CA GLY B 109 24.82 -17.62 -23.01
C GLY B 109 23.46 -16.95 -23.03
N ILE B 110 23.42 -15.62 -22.98
CA ILE B 110 22.17 -14.87 -22.92
C ILE B 110 21.45 -14.87 -24.27
N ASP B 111 20.19 -15.28 -24.22
CA ASP B 111 19.34 -15.33 -25.38
C ASP B 111 18.61 -14.03 -25.57
N LEU B 112 18.02 -13.52 -24.49
CA LEU B 112 17.12 -12.40 -24.56
C LEU B 112 17.47 -11.39 -23.48
N VAL B 113 17.70 -10.14 -23.88
CA VAL B 113 17.88 -9.10 -22.89
C VAL B 113 16.58 -8.34 -22.71
N ILE B 114 16.19 -8.12 -21.46
CA ILE B 114 15.12 -7.23 -21.10
C ILE B 114 15.70 -5.85 -20.84
N GLU B 115 15.43 -4.93 -21.75
CA GLU B 115 16.08 -3.64 -21.69
C GLU B 115 15.18 -2.66 -20.97
N ALA B 116 15.51 -2.41 -19.69
CA ALA B 116 14.66 -1.68 -18.74
C ALA B 116 15.37 -0.51 -18.07
N THR B 117 16.41 0.02 -18.72
CA THR B 117 17.14 1.15 -18.17
C THR B 117 16.49 2.47 -18.53
N GLY B 118 15.73 2.44 -19.61
CA GLY B 118 15.16 3.63 -20.19
C GLY B 118 16.10 4.42 -21.09
N VAL B 119 17.30 3.90 -21.30
CA VAL B 119 18.37 4.63 -21.97
C VAL B 119 18.68 4.08 -23.38
N PHE B 120 18.45 2.80 -23.60
CA PHE B 120 18.84 2.13 -24.85
C PHE B 120 17.59 1.76 -25.61
N THR B 121 16.81 2.78 -25.93
CA THR B 121 15.56 2.58 -26.64
C THR B 121 15.65 2.80 -28.16
N SER B 122 16.81 3.22 -28.69
CA SER B 122 16.99 3.33 -30.16
C SER B 122 17.56 2.02 -30.66
N ARG B 123 17.46 1.75 -31.97
CA ARG B 123 17.97 0.52 -32.51
C ARG B 123 19.45 0.45 -32.23
N GLU B 124 20.15 1.54 -32.48
CA GLU B 124 21.59 1.52 -32.29
C GLU B 124 21.94 1.26 -30.79
N GLY B 125 21.18 1.89 -29.88
CA GLY B 125 21.39 1.73 -28.44
C GLY B 125 21.20 0.28 -28.01
N ALA B 126 20.02 -0.25 -28.29
CA ALA B 126 19.69 -1.65 -28.01
C ALA B 126 20.60 -2.66 -28.69
N SER B 127 21.17 -2.31 -29.86
CA SER B 127 21.97 -3.28 -30.63
C SER B 127 23.26 -3.52 -29.95
N LYS B 128 23.62 -2.64 -29.00
CA LYS B 128 24.84 -2.85 -28.24
C LYS B 128 24.80 -4.19 -27.46
N HIS B 129 23.62 -4.61 -27.06
CA HIS B 129 23.49 -5.89 -26.39
C HIS B 129 23.73 -7.05 -27.35
N LEU B 130 23.35 -6.89 -28.61
CA LEU B 130 23.55 -7.91 -29.61
C LEU B 130 25.02 -8.05 -29.89
N SER B 131 25.71 -6.93 -30.07
CA SER B 131 27.12 -7.01 -30.34
C SER B 131 27.89 -7.57 -29.13
N ALA B 132 27.39 -7.34 -27.92
CA ALA B 132 27.95 -8.02 -26.72
C ALA B 132 27.54 -9.50 -26.63
N GLY B 133 26.63 -9.96 -27.48
CA GLY B 133 26.38 -11.39 -27.66
C GLY B 133 24.94 -11.91 -27.53
N ALA B 134 24.03 -11.08 -27.01
CA ALA B 134 22.64 -11.54 -26.87
C ALA B 134 22.04 -11.67 -28.27
N LYS B 135 21.08 -12.57 -28.41
CA LYS B 135 20.43 -12.80 -29.69
C LYS B 135 19.29 -11.85 -29.90
N LYS B 136 18.61 -11.44 -28.84
CA LYS B 136 17.51 -10.52 -28.98
C LYS B 136 17.37 -9.56 -27.81
N VAL B 137 16.71 -8.46 -28.07
CA VAL B 137 16.39 -7.48 -27.04
C VAL B 137 14.92 -7.15 -27.07
N LEU B 138 14.31 -7.12 -25.90
CA LEU B 138 12.95 -6.65 -25.69
C LEU B 138 13.03 -5.38 -24.84
N ILE B 139 12.69 -4.24 -25.45
CA ILE B 139 12.78 -2.95 -24.81
C ILE B 139 11.49 -2.64 -24.05
N THR B 140 11.60 -2.29 -22.77
CA THR B 140 10.44 -2.07 -21.93
C THR B 140 9.95 -0.61 -22.02
N ALA B 141 9.73 -0.13 -23.24
CA ALA B 141 9.42 1.25 -23.52
C ALA B 141 9.22 1.36 -24.99
N PRO B 142 8.64 2.47 -25.43
CA PRO B 142 8.57 2.71 -26.89
C PRO B 142 9.96 2.73 -27.49
N GLY B 143 10.12 2.12 -28.66
CA GLY B 143 11.36 2.19 -29.42
C GLY B 143 11.48 3.51 -30.15
N LYS B 144 12.68 3.97 -30.41
CA LYS B 144 12.87 5.17 -31.27
C LYS B 144 13.31 4.75 -32.65
N GLY B 145 12.65 5.27 -33.67
CA GLY B 145 12.94 4.89 -35.08
C GLY B 145 12.23 3.60 -35.46
N ASN B 146 12.85 2.77 -36.28
CA ASN B 146 12.16 1.58 -36.82
C ASN B 146 12.37 0.29 -36.04
N ILE B 147 11.60 0.22 -34.96
CA ILE B 147 11.62 -0.91 -34.04
C ILE B 147 10.19 -1.48 -33.96
N PRO B 148 10.05 -2.76 -34.23
CA PRO B 148 8.73 -3.35 -34.20
C PRO B 148 8.17 -3.31 -32.77
N THR B 149 6.92 -2.84 -32.66
CA THR B 149 6.27 -2.57 -31.37
C THR B 149 5.12 -3.55 -31.24
N TYR B 150 4.94 -4.12 -30.05
CA TYR B 150 3.88 -5.08 -29.79
C TYR B 150 3.12 -4.71 -28.53
N VAL B 151 1.81 -4.88 -28.59
CA VAL B 151 0.96 -4.93 -27.41
C VAL B 151 0.25 -6.29 -27.36
N VAL B 152 0.45 -6.99 -26.25
CA VAL B 152 -0.11 -8.32 -26.12
C VAL B 152 -1.60 -8.15 -26.06
N GLY B 153 -2.29 -8.95 -26.86
CA GLY B 153 -3.76 -8.93 -27.00
C GLY B 153 -4.27 -8.15 -28.19
N VAL B 154 -3.36 -7.43 -28.83
CA VAL B 154 -3.69 -6.53 -29.96
C VAL B 154 -2.95 -7.00 -31.24
N ASN B 155 -1.64 -7.12 -31.19
CA ASN B 155 -0.88 -7.51 -32.36
C ASN B 155 0.32 -8.43 -32.03
N HIS B 156 0.37 -9.02 -30.84
CA HIS B 156 1.54 -9.82 -30.50
C HIS B 156 1.71 -11.05 -31.37
N HIS B 157 0.63 -11.57 -31.95
CA HIS B 157 0.73 -12.70 -32.87
C HIS B 157 1.40 -12.34 -34.20
N THR B 158 1.50 -11.05 -34.57
CA THR B 158 2.23 -10.64 -35.80
C THR B 158 3.76 -10.64 -35.62
N TYR B 159 4.23 -10.92 -34.39
CA TYR B 159 5.64 -10.97 -34.07
C TYR B 159 6.27 -11.93 -35.05
N ASP B 160 7.41 -11.52 -35.58
CA ASP B 160 8.16 -12.34 -36.47
C ASP B 160 9.41 -12.81 -35.69
N PRO B 161 9.55 -14.13 -35.47
CA PRO B 161 10.71 -14.69 -34.75
C PRO B 161 12.08 -14.33 -35.30
N SER B 162 12.18 -13.81 -36.53
CA SER B 162 13.47 -13.34 -37.06
C SER B 162 13.88 -11.98 -36.49
N GLU B 163 12.96 -11.27 -35.87
CA GLU B 163 13.26 -9.94 -35.32
C GLU B 163 14.17 -10.02 -34.08
N ASP B 164 15.19 -9.17 -34.08
CA ASP B 164 16.21 -9.18 -33.04
C ASP B 164 15.96 -8.07 -32.01
N ILE B 165 15.17 -7.06 -32.36
CA ILE B 165 14.90 -5.98 -31.40
C ILE B 165 13.47 -5.62 -31.45
N VAL B 166 12.80 -5.73 -30.30
CA VAL B 166 11.42 -5.34 -30.24
C VAL B 166 11.14 -4.46 -29.05
N SER B 167 9.97 -3.83 -29.08
CA SER B 167 9.47 -2.97 -28.04
C SER B 167 8.15 -3.47 -27.56
N ASN B 168 7.94 -3.40 -26.25
CA ASN B 168 6.64 -3.70 -25.65
C ASN B 168 5.82 -2.44 -25.36
N ALA B 169 6.22 -1.34 -25.97
CA ALA B 169 5.52 -0.08 -25.88
C ALA B 169 5.52 0.43 -24.46
N SER B 170 4.59 1.34 -24.16
CA SER B 170 4.49 1.93 -22.81
C SER B 170 3.33 1.33 -22.03
N CYS B 171 3.29 1.58 -20.74
CA CYS B 171 2.17 1.21 -19.92
C CYS B 171 0.87 1.78 -20.48
N THR B 172 0.89 3.05 -20.83
CA THR B 172 -0.29 3.75 -21.29
C THR B 172 -0.81 3.18 -22.62
N THR B 173 0.11 2.85 -23.50
CA THR B 173 -0.28 2.32 -24.80
C THR B 173 -0.83 0.94 -24.57
N ASN B 174 -0.22 0.19 -23.68
CA ASN B 174 -0.84 -1.12 -23.29
C ASN B 174 -2.24 -1.01 -22.73
N CYS B 175 -2.56 0.10 -22.05
CA CYS B 175 -3.89 0.29 -21.50
C CYS B 175 -4.83 0.74 -22.57
N LEU B 176 -4.42 1.72 -23.36
CA LEU B 176 -5.29 2.28 -24.37
C LEU B 176 -5.52 1.34 -25.57
N ALA B 177 -4.46 0.67 -26.07
CA ALA B 177 -4.58 -0.02 -27.36
C ALA B 177 -5.65 -1.10 -27.39
N PRO B 178 -5.78 -1.88 -26.33
CA PRO B 178 -6.83 -2.92 -26.39
C PRO B 178 -8.28 -2.37 -26.39
N ILE B 179 -8.53 -1.32 -25.59
CA ILE B 179 -9.81 -0.62 -25.67
C ILE B 179 -10.08 -0.05 -27.06
N VAL B 180 -9.07 0.57 -27.64
CA VAL B 180 -9.23 1.15 -28.95
C VAL B 180 -9.56 0.09 -30.01
N LYS B 181 -8.89 -1.06 -29.97
CA LYS B 181 -9.15 -2.09 -30.89
C LYS B 181 -10.61 -2.53 -30.83
N VAL B 182 -11.11 -2.77 -29.62
CA VAL B 182 -12.47 -3.26 -29.45
C VAL B 182 -13.47 -2.23 -29.96
N LEU B 183 -13.26 -0.98 -29.56
CA LEU B 183 -14.10 0.11 -30.01
C LEU B 183 -14.02 0.32 -31.50
N HIS B 184 -12.83 0.19 -32.08
CA HIS B 184 -12.68 0.34 -33.52
C HIS B 184 -13.47 -0.73 -34.26
N GLU B 185 -13.31 -1.99 -33.85
CA GLU B 185 -13.99 -3.11 -34.50
C GLU B 185 -15.49 -3.00 -34.42
N ALA B 186 -16.02 -2.52 -33.30
CA ALA B 186 -17.47 -2.41 -33.15
C ALA B 186 -18.09 -1.15 -33.75
N PHE B 187 -17.41 -0.02 -33.63
CA PHE B 187 -17.97 1.29 -33.99
C PHE B 187 -17.27 2.05 -35.12
N GLY B 188 -16.01 1.72 -35.39
CA GLY B 188 -15.17 2.45 -36.35
C GLY B 188 -14.70 3.79 -35.77
N ILE B 189 -13.49 3.81 -35.24
CA ILE B 189 -12.87 5.02 -34.75
C ILE B 189 -12.32 5.90 -35.89
N GLN B 190 -12.85 7.11 -36.02
CA GLN B 190 -12.36 8.09 -36.99
C GLN B 190 -11.19 8.98 -36.44
N GLN B 191 -11.31 9.41 -35.16
CA GLN B 191 -10.34 10.27 -34.51
C GLN B 191 -10.45 9.98 -33.01
N GLY B 192 -9.41 10.20 -32.24
CA GLY B 192 -9.55 10.07 -30.82
C GLY B 192 -8.48 10.75 -30.03
N MET B 193 -8.87 11.28 -28.87
CA MET B 193 -8.03 12.04 -27.97
C MET B 193 -7.95 11.34 -26.61
N MET B 194 -6.76 11.42 -26.00
CA MET B 194 -6.46 10.74 -24.78
C MET B 194 -5.83 11.71 -23.79
N THR B 195 -6.17 11.52 -22.52
CA THR B 195 -5.38 12.03 -21.42
C THR B 195 -5.16 10.89 -20.43
N THR B 196 -3.91 10.64 -20.04
CA THR B 196 -3.66 9.72 -18.95
C THR B 196 -3.42 10.54 -17.73
N THR B 197 -4.22 10.27 -16.71
CA THR B 197 -3.99 10.77 -15.38
C THR B 197 -3.10 9.73 -14.67
N HIS B 198 -1.82 10.07 -14.60
CA HIS B 198 -0.76 9.11 -14.37
C HIS B 198 -0.01 9.33 -13.07
N SER B 199 0.34 8.24 -12.39
CA SER B 199 1.19 8.35 -11.20
C SER B 199 2.54 8.93 -11.57
N TYR B 200 3.21 9.55 -10.59
CA TYR B 200 4.51 10.07 -10.89
C TYR B 200 5.48 8.90 -11.16
N THR B 201 6.52 9.18 -11.94
CA THR B 201 7.49 8.18 -12.26
C THR B 201 8.89 8.77 -12.05
N GLY B 202 9.90 7.91 -12.14
CA GLY B 202 11.27 8.24 -11.67
C GLY B 202 12.03 9.23 -12.54
N ASP B 203 11.41 9.66 -13.63
CA ASP B 203 11.96 10.73 -14.43
C ASP B 203 11.65 12.16 -13.93
N GLN B 204 10.82 12.25 -12.90
CA GLN B 204 10.44 13.51 -12.29
C GLN B 204 11.27 13.74 -11.06
N ARG B 205 11.62 14.99 -10.79
CA ARG B 205 12.38 15.32 -9.62
C ARG B 205 11.54 15.36 -8.33
N LEU B 206 12.17 15.09 -7.21
CA LEU B 206 11.43 14.99 -5.93
C LEU B 206 11.12 16.38 -5.41
N LEU B 207 12.12 17.26 -5.45
CA LEU B 207 11.93 18.69 -5.22
C LEU B 207 12.34 19.43 -6.49
N ASP B 208 11.84 20.63 -6.70
CA ASP B 208 12.15 21.43 -7.89
C ASP B 208 13.64 21.37 -8.15
N ALA B 209 14.03 20.96 -9.35
CA ALA B 209 15.45 20.86 -9.61
C ALA B 209 15.70 20.71 -11.08
N SER B 210 16.96 20.91 -11.38
CA SER B 210 17.44 20.95 -12.72
C SER B 210 16.93 19.80 -13.58
N HIS B 211 16.40 20.13 -14.73
CA HIS B 211 15.91 19.15 -15.67
C HIS B 211 15.77 19.81 -17.04
N ARG B 212 15.99 18.98 -18.03
CA ARG B 212 15.92 19.26 -19.45
C ARG B 212 14.48 19.63 -19.84
N ASP B 213 13.51 18.96 -19.24
CA ASP B 213 12.09 19.22 -19.41
C ASP B 213 11.63 20.02 -18.17
N LEU B 214 11.17 21.24 -18.41
CA LEU B 214 10.90 22.16 -17.30
C LEU B 214 9.73 21.75 -16.45
N ARG B 215 8.97 20.78 -16.92
CA ARG B 215 7.82 20.25 -16.17
C ARG B 215 8.32 19.10 -15.28
N ARG B 216 9.10 18.20 -15.86
CA ARG B 216 9.72 17.13 -15.11
C ARG B 216 10.67 17.63 -13.98
N ALA B 217 11.13 18.86 -14.09
CA ALA B 217 11.93 19.52 -13.05
C ALA B 217 11.19 19.77 -11.74
N ARG B 218 9.86 19.82 -11.78
CA ARG B 218 9.10 20.31 -10.64
C ARG B 218 8.75 19.19 -9.67
N ALA B 219 8.55 19.57 -8.41
CA ALA B 219 8.34 18.61 -7.33
C ALA B 219 7.16 17.68 -7.63
N ALA B 220 7.47 16.42 -7.82
CA ALA B 220 6.50 15.45 -8.34
C ALA B 220 5.33 15.18 -7.39
N ALA B 221 5.60 15.09 -6.10
CA ALA B 221 4.57 14.75 -5.12
C ALA B 221 3.74 15.94 -4.65
N MET B 222 4.07 17.13 -5.14
CA MET B 222 3.42 18.37 -4.79
CA MET B 222 3.35 18.32 -4.75
C MET B 222 2.59 18.95 -5.91
N ASN B 223 2.70 18.40 -7.12
CA ASN B 223 2.10 19.01 -8.27
C ASN B 223 1.33 18.04 -9.17
N ILE B 224 0.38 18.61 -9.93
CA ILE B 224 -0.11 18.06 -11.18
C ILE B 224 0.82 18.62 -12.29
N VAL B 225 1.41 17.71 -13.07
CA VAL B 225 2.49 18.00 -13.98
C VAL B 225 2.17 17.47 -15.41
N PRO B 226 1.79 18.35 -16.34
CA PRO B 226 1.59 17.89 -17.72
C PRO B 226 2.90 17.49 -18.43
N THR B 227 2.83 16.44 -19.24
CA THR B 227 3.89 16.09 -20.17
C THR B 227 3.28 15.63 -21.49
N SER B 228 4.02 15.87 -22.54
CA SER B 228 3.68 15.32 -23.81
C SER B 228 3.83 13.76 -23.70
N THR B 229 3.08 13.04 -24.52
CA THR B 229 3.20 11.59 -24.52
C THR B 229 3.08 11.12 -26.00
N GLY B 230 3.79 10.04 -26.32
CA GLY B 230 3.69 9.35 -27.61
C GLY B 230 2.66 8.20 -27.53
N ALA B 231 2.02 8.03 -26.38
CA ALA B 231 1.24 6.84 -26.17
C ALA B 231 0.04 6.69 -27.10
N ALA B 232 -0.65 7.77 -27.39
CA ALA B 232 -1.81 7.69 -28.26
C ALA B 232 -1.40 7.45 -29.71
N LYS B 233 -0.42 8.18 -30.19
CA LYS B 233 0.11 7.93 -31.55
C LYS B 233 0.59 6.50 -31.71
N ALA B 234 1.22 5.95 -30.67
CA ALA B 234 1.76 4.61 -30.70
C ALA B 234 0.70 3.52 -30.89
N VAL B 235 -0.54 3.81 -30.52
CA VAL B 235 -1.63 2.89 -30.83
C VAL B 235 -1.68 2.65 -32.35
N GLY B 236 -1.42 3.71 -33.14
CA GLY B 236 -1.29 3.60 -34.59
C GLY B 236 -0.20 2.68 -35.12
N LEU B 237 0.85 2.44 -34.34
CA LEU B 237 1.81 1.42 -34.71
C LEU B 237 1.17 0.05 -34.60
N VAL B 238 0.38 -0.20 -33.56
CA VAL B 238 -0.07 -1.55 -33.29
C VAL B 238 -1.43 -1.82 -33.92
N ILE B 239 -2.14 -0.76 -34.29
CA ILE B 239 -3.36 -0.86 -35.08
C ILE B 239 -3.16 0.05 -36.30
N PRO B 240 -2.47 -0.44 -37.32
CA PRO B 240 -2.03 0.45 -38.43
C PRO B 240 -3.17 1.25 -39.13
N GLU B 241 -4.38 0.69 -39.20
CA GLU B 241 -5.54 1.44 -39.72
C GLU B 241 -5.74 2.79 -39.01
N LEU B 242 -5.33 2.90 -37.74
CA LEU B 242 -5.53 4.13 -36.97
C LEU B 242 -4.34 5.05 -36.93
N GLN B 243 -3.36 4.81 -37.77
CA GLN B 243 -2.18 5.67 -37.75
C GLN B 243 -2.57 7.09 -38.06
N GLY B 244 -1.99 8.01 -37.31
CA GLY B 244 -2.26 9.44 -37.47
C GLY B 244 -3.67 9.87 -36.99
N LYS B 245 -4.42 8.96 -36.37
CA LYS B 245 -5.77 9.29 -35.95
C LYS B 245 -5.96 9.51 -34.44
N LEU B 246 -4.89 9.41 -33.68
CA LEU B 246 -4.96 9.51 -32.25
C LEU B 246 -3.91 10.46 -31.72
N ASN B 247 -4.27 11.24 -30.70
CA ASN B 247 -3.26 12.00 -29.96
C ASN B 247 -3.68 12.14 -28.48
N GLY B 248 -2.76 12.63 -27.66
CA GLY B 248 -3.11 12.91 -26.29
C GLY B 248 -1.97 13.47 -25.48
N ILE B 249 -2.21 13.58 -24.18
CA ILE B 249 -1.27 14.14 -23.26
C ILE B 249 -1.27 13.34 -21.98
N ALA B 250 -0.32 13.67 -21.12
CA ALA B 250 -0.27 13.09 -19.81
C ALA B 250 -0.32 14.17 -18.75
N LEU B 251 -0.92 13.82 -17.62
CA LEU B 251 -0.92 14.66 -16.44
C LEU B 251 -0.44 13.77 -15.32
N ARG B 252 0.75 14.03 -14.80
CA ARG B 252 1.25 13.28 -13.67
C ARG B 252 0.70 13.87 -12.38
N VAL B 253 0.31 13.02 -11.43
CA VAL B 253 -0.28 13.49 -10.17
C VAL B 253 0.33 12.81 -8.96
N PRO B 254 0.11 13.32 -7.75
CA PRO B 254 0.87 12.78 -6.62
C PRO B 254 0.40 11.45 -6.03
N THR B 255 0.28 10.43 -6.88
CA THR B 255 0.27 9.03 -6.45
C THR B 255 1.53 8.35 -7.03
N PRO B 256 2.11 7.38 -6.32
CA PRO B 256 3.32 6.70 -6.72
C PRO B 256 3.10 5.54 -7.66
N ASN B 257 1.85 5.07 -7.80
CA ASN B 257 1.50 4.01 -8.76
C ASN B 257 0.01 3.89 -9.02
N VAL B 258 -0.34 3.32 -10.16
CA VAL B 258 -1.69 3.16 -10.71
C VAL B 258 -2.06 4.43 -11.43
N SER B 259 -2.55 4.25 -12.65
CA SER B 259 -2.86 5.35 -13.55
C SER B 259 -4.24 5.12 -14.20
N VAL B 260 -4.74 6.12 -14.94
CA VAL B 260 -6.02 5.97 -15.62
C VAL B 260 -6.04 6.71 -16.96
N VAL B 261 -6.54 6.05 -17.98
CA VAL B 261 -6.65 6.62 -19.29
C VAL B 261 -8.10 7.11 -19.47
N ASP B 262 -8.24 8.30 -20.03
CA ASP B 262 -9.50 8.92 -20.38
C ASP B 262 -9.48 9.06 -21.93
N PHE B 263 -10.41 8.45 -22.62
CA PHE B 263 -10.31 8.41 -24.06
C PHE B 263 -11.62 8.87 -24.61
N VAL B 264 -11.57 9.88 -25.45
CA VAL B 264 -12.71 10.42 -26.14
C VAL B 264 -12.53 10.22 -27.63
N ALA B 265 -13.44 9.45 -28.24
CA ALA B 265 -13.34 9.10 -29.66
C ALA B 265 -14.57 9.55 -30.47
N GLN B 266 -14.30 9.88 -31.71
CA GLN B 266 -15.34 10.10 -32.70
C GLN B 266 -15.43 8.77 -33.47
N VAL B 267 -16.61 8.18 -33.45
CA VAL B 267 -16.88 6.91 -34.10
C VAL B 267 -17.93 7.05 -35.18
N GLU B 268 -17.94 6.07 -36.09
CA GLU B 268 -18.72 6.14 -37.30
C GLU B 268 -20.16 5.65 -37.05
N LYS B 269 -20.27 4.50 -36.41
CA LYS B 269 -21.55 3.88 -36.12
C LYS B 269 -22.12 4.50 -34.80
N PRO B 270 -23.28 5.15 -34.88
CA PRO B 270 -23.88 5.77 -33.69
C PRO B 270 -24.13 4.74 -32.59
N THR B 271 -23.92 5.13 -31.34
CA THR B 271 -24.14 4.21 -30.22
C THR B 271 -24.59 4.95 -28.94
N ILE B 272 -24.66 4.20 -27.85
CA ILE B 272 -24.93 4.71 -26.50
C ILE B 272 -24.06 4.03 -25.45
N ALA B 273 -23.97 4.64 -24.26
CA ALA B 273 -23.13 4.17 -23.18
C ALA B 273 -23.33 2.69 -22.87
N GLU B 274 -24.58 2.26 -22.81
CA GLU B 274 -24.91 0.87 -22.49
C GLU B 274 -24.27 -0.09 -23.50
N GLN B 275 -24.23 0.33 -24.73
CA GLN B 275 -23.78 -0.54 -25.81
C GLN B 275 -22.26 -0.57 -25.87
N VAL B 276 -21.64 0.57 -25.62
CA VAL B 276 -20.20 0.66 -25.53
C VAL B 276 -19.71 -0.25 -24.40
N ASN B 277 -20.36 -0.14 -23.25
CA ASN B 277 -20.08 -0.99 -22.10
C ASN B 277 -20.30 -2.47 -22.43
N GLN B 278 -21.40 -2.79 -23.08
CA GLN B 278 -21.68 -4.17 -23.38
C GLN B 278 -20.60 -4.75 -24.24
N VAL B 279 -20.18 -4.01 -25.26
CA VAL B 279 -19.22 -4.51 -26.24
C VAL B 279 -17.84 -4.76 -25.58
N ILE B 280 -17.41 -3.86 -24.70
CA ILE B 280 -16.18 -4.07 -23.95
C ILE B 280 -16.34 -5.17 -22.90
N LYS B 281 -17.50 -5.26 -22.24
CA LYS B 281 -17.73 -6.42 -21.38
C LYS B 281 -17.55 -7.72 -22.19
N GLU B 282 -18.19 -7.84 -23.34
CA GLU B 282 -18.12 -9.08 -24.17
C GLU B 282 -16.69 -9.40 -24.61
N ALA B 283 -15.94 -8.38 -24.97
CA ALA B 283 -14.55 -8.62 -25.34
C ALA B 283 -13.74 -9.11 -24.12
N SER B 284 -13.98 -8.52 -22.95
CA SER B 284 -13.24 -8.90 -21.73
C SER B 284 -13.46 -10.37 -21.35
N GLU B 285 -14.57 -10.95 -21.80
CA GLU B 285 -14.87 -12.33 -21.50
C GLU B 285 -14.44 -13.27 -22.63
N THR B 286 -14.01 -12.77 -23.77
CA THR B 286 -13.66 -13.63 -24.91
C THR B 286 -12.28 -13.31 -25.48
N THR B 287 -12.26 -12.47 -26.50
CA THR B 287 -11.00 -12.15 -27.21
C THR B 287 -9.98 -11.40 -26.36
N MET B 288 -10.42 -10.65 -25.36
CA MET B 288 -9.52 -9.84 -24.56
C MET B 288 -9.45 -10.34 -23.14
N LYS B 289 -9.84 -11.57 -22.94
CA LYS B 289 -9.75 -12.10 -21.60
C LYS B 289 -8.32 -12.07 -21.10
N GLY B 290 -8.15 -11.62 -19.87
CA GLY B 290 -6.85 -11.45 -19.22
C GLY B 290 -6.17 -10.13 -19.59
N ILE B 291 -6.71 -9.42 -20.58
CA ILE B 291 -6.07 -8.17 -21.05
C ILE B 291 -6.90 -6.95 -20.64
N ILE B 292 -8.20 -7.06 -20.86
CA ILE B 292 -9.20 -6.05 -20.40
C ILE B 292 -10.08 -6.71 -19.34
N HIS B 293 -10.23 -6.03 -18.21
CA HIS B 293 -11.21 -6.44 -17.19
C HIS B 293 -12.34 -5.37 -17.21
N TYR B 294 -13.57 -5.85 -17.07
CA TYR B 294 -14.72 -4.99 -17.07
C TYR B 294 -15.25 -4.93 -15.64
N SER B 295 -15.40 -3.71 -15.13
CA SER B 295 -15.85 -3.48 -13.78
C SER B 295 -16.96 -2.47 -13.71
N GLU B 296 -17.99 -2.81 -12.96
CA GLU B 296 -19.07 -1.91 -12.58
C GLU B 296 -18.96 -1.46 -11.12
N LEU B 297 -17.85 -1.74 -10.46
CA LEU B 297 -17.68 -1.39 -9.05
C LEU B 297 -17.18 0.03 -8.95
N GLU B 298 -17.52 0.70 -7.88
CA GLU B 298 -17.13 2.06 -7.62
C GLU B 298 -15.80 2.16 -6.82
N LEU B 299 -14.71 1.93 -7.51
CA LEU B 299 -13.40 1.76 -6.90
C LEU B 299 -12.54 2.97 -7.18
N VAL B 300 -11.40 3.00 -6.53
CA VAL B 300 -10.45 4.11 -6.63
C VAL B 300 -9.07 3.54 -6.89
N SER B 301 -8.09 4.40 -7.15
CA SER B 301 -6.78 3.90 -7.63
C SER B 301 -6.12 2.78 -6.82
N SER B 302 -6.17 2.91 -5.50
CA SER B 302 -5.54 1.92 -4.61
C SER B 302 -6.03 0.53 -4.88
N ASP B 303 -7.31 0.40 -5.19
CA ASP B 303 -7.91 -0.90 -5.39
C ASP B 303 -7.32 -1.62 -6.60
N TYR B 304 -6.64 -0.91 -7.50
CA TYR B 304 -6.11 -1.54 -8.68
C TYR B 304 -4.62 -1.90 -8.56
N ARG B 305 -3.99 -1.69 -7.39
CA ARG B 305 -2.60 -2.21 -7.23
C ARG B 305 -2.53 -3.68 -7.43
N GLY B 306 -1.51 -4.12 -8.18
CA GLY B 306 -1.33 -5.53 -8.44
C GLY B 306 -2.33 -6.21 -9.40
N HIS B 307 -3.17 -5.41 -10.06
CA HIS B 307 -4.12 -5.97 -11.05
C HIS B 307 -3.38 -6.44 -12.30
N ASN B 308 -3.73 -7.62 -12.80
CA ASN B 308 -2.97 -8.25 -13.90
C ASN B 308 -3.39 -7.81 -15.33
N ALA B 309 -4.56 -7.16 -15.45
CA ALA B 309 -5.05 -6.64 -16.73
C ALA B 309 -4.23 -5.44 -17.20
N SER B 310 -4.20 -5.25 -18.51
CA SER B 310 -3.65 -4.06 -19.14
C SER B 310 -4.60 -2.88 -19.01
N SER B 311 -5.91 -3.14 -18.95
CA SER B 311 -6.92 -2.10 -18.88
C SER B 311 -8.06 -2.58 -18.04
N ILE B 312 -8.49 -1.78 -17.05
CA ILE B 312 -9.70 -2.07 -16.33
C ILE B 312 -10.72 -1.00 -16.65
N LEU B 313 -11.72 -1.34 -17.43
CA LEU B 313 -12.70 -0.34 -17.84
C LEU B 313 -13.59 0.02 -16.65
N ASP B 314 -13.75 1.32 -16.43
CA ASP B 314 -14.60 1.76 -15.34
C ASP B 314 -15.95 2.10 -15.95
N ALA B 315 -16.80 1.07 -16.01
CA ALA B 315 -18.08 1.14 -16.72
C ALA B 315 -18.92 2.33 -16.33
N SER B 316 -18.98 2.71 -15.06
CA SER B 316 -19.86 3.83 -14.61
C SER B 316 -19.51 5.18 -15.15
N LEU B 317 -18.29 5.33 -15.66
CA LEU B 317 -17.83 6.58 -16.19
C LEU B 317 -18.09 6.71 -17.67
N THR B 318 -18.53 5.64 -18.35
CA THR B 318 -18.73 5.67 -19.81
C THR B 318 -19.89 6.58 -20.14
N MET B 319 -19.71 7.38 -21.19
CA MET B 319 -20.75 8.32 -21.64
C MET B 319 -20.60 8.61 -23.11
N VAL B 320 -21.73 8.97 -23.73
CA VAL B 320 -21.79 9.21 -25.14
C VAL B 320 -22.67 10.41 -25.40
N LEU B 321 -22.24 11.27 -26.35
CA LEU B 321 -23.05 12.38 -26.84
C LEU B 321 -23.29 12.32 -28.35
N GLY B 322 -24.55 12.56 -28.72
CA GLY B 322 -24.99 12.67 -30.14
C GLY B 322 -24.69 11.46 -30.95
N GLY B 323 -24.68 10.29 -30.31
CA GLY B 323 -24.38 9.04 -30.98
C GLY B 323 -22.92 8.71 -31.27
N ASN B 324 -22.13 9.73 -31.59
CA ASN B 324 -20.80 9.56 -32.19
C ASN B 324 -19.62 9.96 -31.32
N LEU B 325 -19.83 10.69 -30.23
CA LEU B 325 -18.71 11.07 -29.35
C LEU B 325 -18.73 10.20 -28.10
N VAL B 326 -17.78 9.30 -28.02
CA VAL B 326 -17.70 8.27 -26.97
C VAL B 326 -16.56 8.51 -25.97
N LYS B 327 -16.88 8.55 -24.69
CA LYS B 327 -15.86 8.62 -23.65
C LYS B 327 -15.79 7.33 -22.84
N VAL B 328 -14.60 6.77 -22.68
CA VAL B 328 -14.34 5.67 -21.79
C VAL B 328 -13.10 5.93 -20.91
N VAL B 329 -13.11 5.25 -19.76
CA VAL B 329 -12.12 5.46 -18.74
C VAL B 329 -11.63 4.09 -18.30
N ALA B 330 -10.31 3.91 -18.33
CA ALA B 330 -9.71 2.63 -17.99
C ALA B 330 -8.47 2.75 -17.08
N TRP B 331 -8.49 1.98 -16.00
CA TRP B 331 -7.40 2.00 -15.01
C TRP B 331 -6.32 1.07 -15.47
N TYR B 332 -5.11 1.29 -14.99
CA TYR B 332 -4.01 0.36 -15.16
C TYR B 332 -2.95 0.54 -14.10
N ASP B 333 -2.43 -0.59 -13.63
CA ASP B 333 -1.28 -0.55 -12.74
C ASP B 333 -0.03 -0.47 -13.65
N ASN B 334 0.57 0.71 -13.70
CA ASN B 334 1.58 1.03 -14.73
C ASN B 334 2.88 0.28 -14.53
N GLU B 335 3.15 -0.12 -13.30
CA GLU B 335 4.34 -0.92 -12.99
C GLU B 335 4.09 -2.42 -13.15
N TRP B 336 3.09 -2.94 -12.47
CA TRP B 336 2.86 -4.37 -12.37
C TRP B 336 2.16 -4.92 -13.58
N GLY B 337 1.06 -4.28 -13.98
CA GLY B 337 0.32 -4.73 -15.20
C GLY B 337 1.18 -4.75 -16.45
N TYR B 338 1.92 -3.66 -16.63
CA TYR B 338 2.84 -3.55 -17.75
C TYR B 338 3.94 -4.63 -17.62
N SER B 339 4.46 -4.85 -16.42
CA SER B 339 5.49 -5.85 -16.26
C SER B 339 4.95 -7.26 -16.59
N GLN B 340 3.67 -7.51 -16.28
CA GLN B 340 3.06 -8.76 -16.63
C GLN B 340 3.00 -8.89 -18.15
N ARG B 341 2.82 -7.78 -18.85
CA ARG B 341 2.77 -7.84 -20.33
C ARG B 341 4.14 -8.04 -20.89
N VAL B 342 5.14 -7.43 -20.29
CA VAL B 342 6.50 -7.65 -20.71
C VAL B 342 6.81 -9.14 -20.64
N LEU B 343 6.44 -9.77 -19.53
CA LEU B 343 6.65 -11.20 -19.34
C LEU B 343 5.86 -12.00 -20.35
N ASP B 344 4.59 -11.67 -20.56
CA ASP B 344 3.82 -12.33 -21.61
C ASP B 344 4.50 -12.25 -22.99
N LEU B 345 5.05 -11.09 -23.31
CA LEU B 345 5.68 -10.92 -24.63
C LEU B 345 6.93 -11.75 -24.69
N ALA B 346 7.70 -11.80 -23.62
CA ALA B 346 8.88 -12.62 -23.59
C ALA B 346 8.53 -14.09 -23.71
N GLU B 347 7.53 -14.57 -22.97
CA GLU B 347 7.09 -15.99 -23.05
C GLU B 347 6.69 -16.31 -24.46
N HIS B 348 6.01 -15.37 -25.12
CA HIS B 348 5.57 -15.54 -26.48
C HIS B 348 6.76 -15.71 -27.44
N MET B 349 7.76 -14.85 -27.28
CA MET B 349 8.96 -14.94 -28.11
C MET B 349 9.63 -16.29 -27.88
N ALA B 350 9.67 -16.72 -26.62
CA ALA B 350 10.33 -17.99 -26.28
C ALA B 350 9.58 -19.20 -26.91
N ALA B 351 8.26 -19.11 -26.96
CA ALA B 351 7.48 -20.15 -27.61
C ALA B 351 7.62 -20.15 -29.13
N HIS B 352 8.19 -19.10 -29.70
CA HIS B 352 8.28 -18.99 -31.12
C HIS B 352 9.72 -18.84 -31.55
N TRP B 353 10.63 -19.31 -30.73
CA TRP B 353 12.05 -19.12 -30.96
C TRP B 353 12.54 -20.14 -32.01
N ALA B 354 13.05 -19.62 -33.12
CA ALA B 354 13.60 -20.49 -34.18
C ALA B 354 14.97 -21.04 -33.68
N THR C 3 23.84 23.72 -23.66
CA THR C 3 24.85 23.37 -24.71
C THR C 3 25.85 22.37 -24.15
N SER C 4 26.47 22.71 -23.02
CA SER C 4 27.20 21.74 -22.18
C SER C 4 26.22 20.86 -21.41
N PHE C 5 25.01 21.38 -21.23
CA PHE C 5 23.90 20.66 -20.61
C PHE C 5 23.32 19.63 -21.59
N GLN C 6 23.18 20.02 -22.86
CA GLN C 6 22.65 19.09 -23.84
C GLN C 6 23.66 17.97 -24.02
N GLN C 7 24.95 18.32 -23.95
CA GLN C 7 26.06 17.37 -24.09
C GLN C 7 26.04 16.39 -22.91
N TYR C 8 25.84 16.94 -21.72
CA TYR C 8 25.80 16.14 -20.52
C TYR C 8 24.61 15.14 -20.59
N CYS C 9 23.48 15.52 -21.20
CA CYS C 9 22.33 14.59 -21.29
C CYS C 9 22.47 13.55 -22.41
N ASP C 10 23.19 13.88 -23.47
CA ASP C 10 23.61 12.89 -24.47
C ASP C 10 24.52 11.84 -23.84
N ASP C 11 25.49 12.31 -23.05
CA ASP C 11 26.48 11.42 -22.42
C ASP C 11 25.90 10.63 -21.24
N ASN C 12 24.89 11.21 -20.57
CA ASN C 12 24.34 10.65 -19.33
C ASN C 12 22.81 10.71 -19.32
N PRO C 13 22.14 9.95 -20.19
CA PRO C 13 20.67 10.10 -20.32
C PRO C 13 19.86 9.51 -19.14
N ASP C 14 20.50 8.70 -18.31
CA ASP C 14 19.93 8.23 -17.04
C ASP C 14 20.11 9.22 -15.87
N ALA C 15 20.88 10.31 -16.07
CA ALA C 15 21.05 11.28 -14.97
C ALA C 15 19.70 11.96 -14.64
N ALA C 16 19.58 12.40 -13.38
CA ALA C 16 18.35 12.95 -12.84
C ALA C 16 17.85 14.15 -13.68
N GLU C 17 18.79 14.92 -14.19
CA GLU C 17 18.46 16.09 -14.98
C GLU C 17 17.96 15.76 -16.38
N CYS C 18 18.00 14.47 -16.74
CA CYS C 18 17.91 14.09 -18.15
C CYS C 18 16.82 13.10 -18.50
N ARG C 19 16.34 12.34 -17.51
CA ARG C 19 15.46 11.23 -17.75
C ARG C 19 14.18 11.68 -18.38
N ILE C 20 13.83 11.06 -19.49
CA ILE C 20 12.53 11.32 -20.14
C ILE C 20 11.89 9.96 -20.33
N TYR C 21 10.84 9.67 -19.56
CA TYR C 21 10.12 8.39 -19.71
C TYR C 21 8.80 8.67 -20.40
N ASP C 22 8.43 7.81 -21.33
CA ASP C 22 7.19 8.05 -22.06
C ASP C 22 5.98 7.37 -21.43
N ASP C 23 5.46 8.05 -20.40
CA ASP C 23 4.18 7.69 -19.76
C ASP C 23 3.06 8.03 -20.76
N HIS D 1 -20.89 27.01 31.60
CA HIS D 1 -20.72 28.19 30.73
C HIS D 1 -20.51 27.79 29.25
N LYS D 2 -21.57 27.73 28.43
CA LYS D 2 -21.47 27.05 27.10
C LYS D 2 -21.81 27.88 25.83
N THR D 3 -20.87 27.91 24.87
CA THR D 3 -21.12 28.44 23.50
C THR D 3 -21.86 27.39 22.67
N SER D 4 -22.50 27.81 21.58
CA SER D 4 -23.20 26.82 20.73
C SER D 4 -22.25 25.81 20.08
N PHE D 5 -20.96 26.15 19.96
CA PHE D 5 -19.95 25.20 19.44
C PHE D 5 -19.58 24.10 20.46
N GLN D 6 -19.41 24.50 21.72
CA GLN D 6 -19.09 23.51 22.75
C GLN D 6 -20.28 22.60 22.90
N GLN D 7 -21.46 23.18 22.76
CA GLN D 7 -22.70 22.46 22.95
C GLN D 7 -22.83 21.43 21.85
N TYR D 8 -22.50 21.87 20.65
CA TYR D 8 -22.59 21.01 19.50
C TYR D 8 -21.62 19.84 19.64
N CYS D 9 -20.46 20.06 20.25
CA CYS D 9 -19.48 18.95 20.40
C CYS D 9 -19.83 18.00 21.55
N ASP D 10 -20.50 18.52 22.58
CA ASP D 10 -21.10 17.66 23.61
C ASP D 10 -22.15 16.75 23.02
N ASP D 11 -23.03 17.34 22.21
CA ASP D 11 -24.14 16.62 21.59
C ASP D 11 -23.67 15.70 20.46
N ASN D 12 -22.55 16.06 19.80
CA ASN D 12 -22.06 15.35 18.63
C ASN D 12 -20.53 15.12 18.64
N PRO D 13 -20.01 14.27 19.55
CA PRO D 13 -18.55 14.17 19.72
C PRO D 13 -17.84 13.38 18.60
N ASP D 14 -18.62 12.65 17.79
CA ASP D 14 -18.11 12.04 16.57
C ASP D 14 -18.11 12.99 15.37
N ALA D 15 -18.64 14.22 15.49
CA ALA D 15 -18.63 15.15 14.34
C ALA D 15 -17.21 15.58 14.00
N ALA D 16 -17.02 15.92 12.75
CA ALA D 16 -15.70 16.28 12.19
C ALA D 16 -15.00 17.42 12.96
N GLU D 17 -15.78 18.37 13.43
CA GLU D 17 -15.28 19.48 14.20
C GLU D 17 -14.84 19.12 15.60
N CYS D 18 -15.09 17.87 16.00
CA CYS D 18 -15.10 17.52 17.43
C CYS D 18 -14.18 16.37 17.83
N ARG D 19 -13.83 15.52 16.89
CA ARG D 19 -13.15 14.27 17.21
C ARG D 19 -11.80 14.55 17.85
N ILE D 20 -11.58 13.92 19.01
CA ILE D 20 -10.25 13.95 19.64
C ILE D 20 -9.82 12.49 19.86
N TYR D 21 -8.82 12.03 19.10
CA TYR D 21 -8.28 10.67 19.26
C TYR D 21 -6.93 10.81 19.91
N ASP D 22 -6.69 10.00 20.95
CA ASP D 22 -5.44 10.05 21.71
C ASP D 22 -4.34 9.21 21.02
N ASP D 23 -3.65 9.81 20.04
CA ASP D 23 -2.52 9.12 19.38
C ASP D 23 -1.29 9.12 20.31
#